data_3O8E
#
_entry.id   3O8E
#
_cell.length_a   108.160
_cell.length_b   108.160
_cell.length_c   222.990
_cell.angle_alpha   90.00
_cell.angle_beta   90.00
_cell.angle_gamma   120.00
#
_symmetry.space_group_name_H-M   'P 63'
#
loop_
_entity.id
_entity.type
_entity.pdbx_description
1 polymer 'Fiber 36.1 kDa protein'
2 polymer 'Membrane cofactor protein'
3 branched 2-acetamido-2-deoxy-beta-D-glucopyranose-(1-4)-2-acetamido-2-deoxy-beta-D-glucopyranose
4 non-polymer 'DITHIANE DIOL'
5 water water
#
loop_
_entity_poly.entity_id
_entity_poly.type
_entity_poly.pdbx_seq_one_letter_code
_entity_poly.pdbx_strand_id
1 'polypeptide(L)'
;GSHMGLTFNSNNICIDDNINTLWTGVNPTEANCQIMNSSESNDCKLILTLVKTGALVTAFVYVIGVSNNFNMLTTHRNIN
FTAELFFDSTGNLLTRLSSLKTPLNHKSGQNMATGAITNAKGFMPSTTAYPFNDNSREKENYIYGTCYYTASDRTAFPID
ISVMLNRRAINDETSYCIRITWSWNTGDAPEVQTSATTLVTSPFTFYYIREDD
;
A,C
2 'polypeptide(L)'
;CEEPPTFEAMELIGKPKPYYEIGERVDYKCKKGYFYIPPLATHTICDRNHTWLPVSDDACYRETCPYIRDPLNGQAVPAN
GTYEFGYQMHFICNEGYYLIGEEILYCELKGSVAIWSGKPPICEKVLCTPPPKIKNGKHTFSEVEVFEYLDAVTYSCDPA
PGPDPFSLIGESTIYCGDNSVWSRAAPECKVVKCRFPVVENGKQISGFGKKFYYKATVMFECDKGFYLDGSDTIVCDSNS
TWDPPVPKCLKV
;
B,D
#
# COMPACT_ATOMS: atom_id res chain seq x y z
N ASP A 17 -34.83 -39.93 -5.59
CA ASP A 17 -33.92 -40.53 -4.61
C ASP A 17 -33.39 -39.51 -3.61
N ASN A 18 -33.06 -39.98 -2.40
CA ASN A 18 -32.55 -39.18 -1.30
C ASN A 18 -31.10 -38.70 -1.52
N ILE A 19 -30.33 -39.42 -2.36
CA ILE A 19 -28.93 -39.10 -2.68
C ILE A 19 -28.71 -37.79 -3.47
N ASN A 20 -29.78 -37.24 -4.07
CA ASN A 20 -29.74 -35.98 -4.83
C ASN A 20 -29.70 -34.74 -3.93
N THR A 21 -29.93 -34.92 -2.61
CA THR A 21 -29.95 -33.84 -1.62
C THR A 21 -28.81 -34.00 -0.60
N LEU A 22 -28.17 -32.88 -0.24
CA LEU A 22 -27.13 -32.79 0.78
C LEU A 22 -27.55 -31.62 1.67
N TRP A 23 -28.16 -31.94 2.83
CA TRP A 23 -28.70 -30.93 3.74
C TRP A 23 -28.30 -31.04 5.22
N THR A 24 -28.67 -30.01 6.00
CA THR A 24 -28.44 -29.89 7.45
C THR A 24 -29.59 -30.54 8.22
N GLY A 25 -30.72 -30.75 7.54
CA GLY A 25 -31.94 -31.30 8.11
C GLY A 25 -32.99 -30.23 8.28
N VAL A 26 -34.04 -30.52 9.06
CA VAL A 26 -35.13 -29.57 9.32
C VAL A 26 -35.18 -29.22 10.80
N ASN A 27 -34.99 -27.92 11.12
CA ASN A 27 -35.02 -27.34 12.47
C ASN A 27 -34.33 -28.23 13.53
N PRO A 28 -32.97 -28.28 13.57
CA PRO A 28 -32.30 -29.12 14.57
C PRO A 28 -32.58 -28.62 15.99
N THR A 29 -32.74 -29.55 16.95
CA THR A 29 -33.02 -29.27 18.37
C THR A 29 -32.06 -28.23 18.94
N GLU A 30 -30.74 -28.43 18.72
CA GLU A 30 -29.69 -27.53 19.19
C GLU A 30 -29.08 -26.75 18.03
N ALA A 31 -28.40 -25.62 18.34
CA ALA A 31 -27.73 -24.77 17.36
C ALA A 31 -26.55 -25.51 16.74
N ASN A 32 -26.50 -25.54 15.39
CA ASN A 32 -25.46 -26.24 14.64
C ASN A 32 -24.44 -25.30 13.98
N CYS A 33 -24.62 -23.97 14.15
CA CYS A 33 -23.76 -22.97 13.54
C CYS A 33 -23.27 -21.88 14.49
N GLN A 34 -22.00 -21.49 14.34
CA GLN A 34 -21.32 -20.43 15.07
C GLN A 34 -20.97 -19.39 14.00
N ILE A 35 -21.98 -18.56 13.65
CA ILE A 35 -21.92 -17.56 12.60
C ILE A 35 -21.07 -16.31 12.88
N MET A 36 -20.95 -15.89 14.16
CA MET A 36 -20.19 -14.69 14.53
C MET A 36 -18.96 -14.92 15.40
N ASN A 37 -17.93 -14.07 15.22
CA ASN A 37 -16.63 -14.09 15.89
C ASN A 37 -16.72 -13.95 17.42
N SER A 38 -17.60 -13.05 17.91
CA SER A 38 -17.81 -12.76 19.33
C SER A 38 -18.31 -13.95 20.15
N SER A 39 -19.04 -14.90 19.52
CA SER A 39 -19.59 -16.08 20.16
C SER A 39 -18.52 -17.10 20.54
N GLU A 40 -18.69 -17.75 21.71
CA GLU A 40 -17.77 -18.78 22.23
C GLU A 40 -18.25 -20.17 21.79
N SER A 41 -19.58 -20.39 21.83
CA SER A 41 -20.24 -21.62 21.42
C SER A 41 -21.18 -21.34 20.22
N ASN A 42 -21.97 -22.36 19.78
CA ASN A 42 -22.91 -22.23 18.66
C ASN A 42 -24.01 -21.21 18.96
N ASP A 43 -24.20 -20.26 18.02
CA ASP A 43 -25.14 -19.14 18.16
C ASP A 43 -26.47 -19.24 17.42
N CYS A 44 -26.53 -19.98 16.29
CA CYS A 44 -27.75 -20.10 15.47
C CYS A 44 -27.91 -21.45 14.76
N LYS A 45 -29.07 -21.62 14.09
CA LYS A 45 -29.40 -22.81 13.30
C LYS A 45 -29.29 -22.46 11.81
N LEU A 46 -28.29 -23.02 11.12
CA LEU A 46 -28.11 -22.78 9.68
C LEU A 46 -28.83 -23.87 8.91
N ILE A 47 -29.86 -23.49 8.15
CA ILE A 47 -30.62 -24.43 7.32
C ILE A 47 -30.10 -24.31 5.90
N LEU A 48 -29.29 -25.30 5.47
CA LEU A 48 -28.69 -25.34 4.14
C LEU A 48 -29.13 -26.62 3.43
N THR A 49 -29.68 -26.47 2.21
CA THR A 49 -30.15 -27.57 1.38
C THR A 49 -29.54 -27.44 -0.01
N LEU A 50 -28.76 -28.45 -0.43
CA LEU A 50 -28.11 -28.49 -1.75
C LEU A 50 -28.72 -29.63 -2.56
N VAL A 51 -29.47 -29.28 -3.61
CA VAL A 51 -30.15 -30.25 -4.47
C VAL A 51 -29.54 -30.25 -5.88
N LYS A 52 -29.13 -31.45 -6.36
CA LYS A 52 -28.55 -31.62 -7.70
C LYS A 52 -29.63 -31.45 -8.76
N THR A 53 -29.47 -30.44 -9.62
CA THR A 53 -30.40 -30.11 -10.70
C THR A 53 -29.63 -30.06 -12.03
N GLY A 54 -29.40 -31.24 -12.61
CA GLY A 54 -28.65 -31.39 -13.85
C GLY A 54 -27.19 -31.05 -13.67
N ALA A 55 -26.72 -30.00 -14.36
CA ALA A 55 -25.35 -29.50 -14.27
C ALA A 55 -25.25 -28.36 -13.24
N LEU A 56 -26.35 -28.07 -12.53
CA LEU A 56 -26.44 -27.02 -11.52
C LEU A 56 -26.83 -27.57 -10.14
N VAL A 57 -26.73 -26.72 -9.09
CA VAL A 57 -27.12 -27.05 -7.73
C VAL A 57 -28.09 -26.00 -7.19
N THR A 58 -29.28 -26.45 -6.75
CA THR A 58 -30.31 -25.59 -6.16
C THR A 58 -29.91 -25.41 -4.69
N ALA A 59 -29.31 -24.25 -4.37
CA ALA A 59 -28.85 -23.95 -3.02
C ALA A 59 -29.88 -23.11 -2.26
N PHE A 60 -30.46 -23.73 -1.21
CA PHE A 60 -31.50 -23.17 -0.34
C PHE A 60 -30.88 -22.89 1.02
N VAL A 61 -30.77 -21.60 1.41
CA VAL A 61 -30.13 -21.19 2.66
C VAL A 61 -30.87 -20.10 3.46
N TYR A 62 -30.98 -20.30 4.79
CA TYR A 62 -31.58 -19.38 5.77
C TYR A 62 -31.12 -19.68 7.21
N VAL A 63 -31.20 -18.67 8.11
CA VAL A 63 -30.77 -18.78 9.51
C VAL A 63 -31.89 -18.56 10.53
N ILE A 64 -31.85 -19.32 11.63
CA ILE A 64 -32.78 -19.22 12.77
C ILE A 64 -31.92 -18.97 14.02
N GLY A 65 -32.08 -17.79 14.61
CA GLY A 65 -31.34 -17.36 15.79
C GLY A 65 -31.60 -18.16 17.05
N VAL A 66 -30.54 -18.40 17.85
CA VAL A 66 -30.62 -19.15 19.10
C VAL A 66 -30.12 -18.29 20.28
N SER A 67 -28.86 -17.83 20.22
CA SER A 67 -28.24 -17.01 21.27
C SER A 67 -28.87 -15.62 21.37
N ASN A 68 -28.84 -15.03 22.58
CA ASN A 68 -29.38 -13.70 22.88
C ASN A 68 -28.69 -12.60 22.08
N ASN A 69 -27.36 -12.68 21.94
CA ASN A 69 -26.52 -11.72 21.22
C ASN A 69 -26.82 -11.67 19.71
N PHE A 70 -27.04 -12.85 19.08
CA PHE A 70 -27.36 -12.93 17.66
C PHE A 70 -28.78 -12.45 17.35
N ASN A 71 -29.73 -12.70 18.28
CA ASN A 71 -31.13 -12.26 18.14
C ASN A 71 -31.23 -10.74 18.33
N MET A 72 -30.29 -10.15 19.09
CA MET A 72 -30.22 -8.71 19.36
C MET A 72 -29.61 -7.88 18.22
N LEU A 73 -29.24 -8.52 17.09
CA LEU A 73 -28.70 -7.82 15.92
C LEU A 73 -29.79 -7.01 15.19
N THR A 74 -31.08 -7.33 15.48
CA THR A 74 -32.26 -6.65 14.94
C THR A 74 -32.46 -5.26 15.57
N THR A 75 -31.73 -4.96 16.66
CA THR A 75 -31.81 -3.67 17.36
C THR A 75 -30.81 -2.65 16.81
N HIS A 76 -29.92 -3.09 15.88
CA HIS A 76 -28.88 -2.25 15.29
C HIS A 76 -29.18 -1.86 13.83
N ARG A 77 -28.66 -0.70 13.40
CA ARG A 77 -28.83 -0.11 12.06
C ARG A 77 -27.91 -0.71 11.00
N ASN A 78 -26.60 -0.83 11.30
CA ASN A 78 -25.59 -1.36 10.38
C ASN A 78 -25.06 -2.70 10.90
N ILE A 79 -25.46 -3.81 10.25
CA ILE A 79 -25.09 -5.17 10.61
C ILE A 79 -24.71 -6.01 9.38
N ASN A 80 -23.69 -6.88 9.53
CA ASN A 80 -23.23 -7.82 8.51
C ASN A 80 -22.68 -9.09 9.17
N PHE A 81 -23.18 -10.27 8.74
CA PHE A 81 -22.75 -11.57 9.25
C PHE A 81 -22.57 -12.59 8.14
N THR A 82 -21.43 -13.32 8.18
CA THR A 82 -21.05 -14.30 7.16
C THR A 82 -21.05 -15.74 7.69
N ALA A 83 -21.59 -16.67 6.88
CA ALA A 83 -21.62 -18.11 7.15
C ALA A 83 -20.58 -18.74 6.23
N GLU A 84 -19.39 -19.04 6.78
CA GLU A 84 -18.29 -19.63 6.03
C GLU A 84 -18.43 -21.15 5.96
N LEU A 85 -18.33 -21.71 4.75
CA LEU A 85 -18.44 -23.16 4.52
C LEU A 85 -17.21 -23.63 3.74
N PHE A 86 -16.41 -24.50 4.37
CA PHE A 86 -15.18 -25.04 3.79
C PHE A 86 -15.27 -26.54 3.57
N PHE A 87 -14.76 -27.02 2.42
CA PHE A 87 -14.81 -28.42 2.02
C PHE A 87 -13.46 -28.92 1.50
N ASP A 88 -13.17 -30.22 1.73
CA ASP A 88 -11.93 -30.87 1.29
C ASP A 88 -12.00 -31.34 -0.17
N SER A 89 -10.95 -32.06 -0.63
CA SER A 89 -10.81 -32.60 -1.99
C SER A 89 -11.94 -33.55 -2.40
N THR A 90 -12.46 -34.35 -1.44
CA THR A 90 -13.56 -35.30 -1.67
C THR A 90 -14.96 -34.67 -1.55
N GLY A 91 -15.02 -33.40 -1.15
CA GLY A 91 -16.26 -32.64 -1.01
C GLY A 91 -16.95 -32.78 0.34
N ASN A 92 -16.17 -33.10 1.40
CA ASN A 92 -16.68 -33.25 2.76
C ASN A 92 -16.43 -31.98 3.58
N LEU A 93 -17.43 -31.55 4.36
CA LEU A 93 -17.38 -30.34 5.19
C LEU A 93 -16.31 -30.41 6.29
N LEU A 94 -15.49 -29.34 6.39
CA LEU A 94 -14.44 -29.20 7.39
C LEU A 94 -15.01 -28.36 8.54
N THR A 95 -15.68 -29.05 9.48
CA THR A 95 -16.36 -28.50 10.66
C THR A 95 -15.51 -27.58 11.54
N ARG A 96 -14.22 -27.92 11.71
CA ARG A 96 -13.25 -27.16 12.52
C ARG A 96 -12.94 -25.77 11.93
N LEU A 97 -13.13 -25.61 10.60
CA LEU A 97 -12.87 -24.36 9.87
C LEU A 97 -14.17 -23.61 9.54
N SER A 98 -15.21 -24.35 9.11
CA SER A 98 -16.51 -23.81 8.73
C SER A 98 -17.33 -23.27 9.90
N SER A 99 -18.33 -22.43 9.60
CA SER A 99 -19.26 -21.84 10.57
C SER A 99 -20.21 -22.93 11.07
N LEU A 100 -20.62 -23.85 10.16
CA LEU A 100 -21.48 -24.98 10.45
C LEU A 100 -20.62 -26.07 11.13
N LYS A 101 -21.00 -26.46 12.36
CA LYS A 101 -20.25 -27.43 13.17
C LYS A 101 -20.72 -28.89 13.04
N THR A 102 -21.83 -29.13 12.32
CA THR A 102 -22.38 -30.46 12.10
C THR A 102 -22.22 -30.82 10.60
N PRO A 103 -21.61 -31.98 10.25
CA PRO A 103 -21.44 -32.31 8.82
C PRO A 103 -22.76 -32.57 8.09
N LEU A 104 -22.79 -32.19 6.79
CA LEU A 104 -23.96 -32.35 5.92
C LEU A 104 -24.10 -33.81 5.48
N ASN A 105 -25.36 -34.26 5.28
CA ASN A 105 -25.67 -35.62 4.82
C ASN A 105 -26.97 -35.65 3.99
N HIS A 106 -27.31 -36.82 3.42
CA HIS A 106 -28.49 -37.03 2.59
C HIS A 106 -29.83 -36.92 3.33
N LYS A 107 -30.93 -36.90 2.57
CA LYS A 107 -32.30 -36.81 3.08
C LYS A 107 -32.71 -38.12 3.76
N SER A 108 -33.27 -38.00 4.97
CA SER A 108 -33.80 -39.11 5.75
C SER A 108 -35.09 -38.60 6.39
N GLY A 109 -36.09 -38.40 5.53
CA GLY A 109 -37.39 -37.85 5.91
C GLY A 109 -37.27 -36.36 6.11
N GLN A 110 -37.23 -35.92 7.37
CA GLN A 110 -37.08 -34.50 7.73
C GLN A 110 -35.75 -34.27 8.47
N ASN A 111 -34.87 -35.30 8.49
CA ASN A 111 -33.57 -35.25 9.15
C ASN A 111 -32.44 -35.69 8.20
N MET A 112 -31.19 -35.73 8.70
CA MET A 112 -30.01 -36.14 7.94
C MET A 112 -29.83 -37.65 8.00
N ALA A 113 -29.14 -38.21 6.98
CA ALA A 113 -28.82 -39.64 6.92
C ALA A 113 -27.60 -39.94 7.81
N THR A 114 -27.38 -41.23 8.12
CA THR A 114 -26.28 -41.70 8.97
C THR A 114 -25.07 -42.19 8.16
N GLY A 115 -25.33 -42.98 7.12
CA GLY A 115 -24.32 -43.60 6.26
C GLY A 115 -23.48 -42.69 5.39
N ALA A 116 -22.77 -43.31 4.43
CA ALA A 116 -21.87 -42.68 3.46
C ALA A 116 -22.57 -41.71 2.52
N ILE A 117 -21.83 -40.67 2.07
CA ILE A 117 -22.32 -39.65 1.14
C ILE A 117 -21.93 -40.04 -0.28
N THR A 118 -22.94 -40.23 -1.15
CA THR A 118 -22.77 -40.60 -2.56
C THR A 118 -22.43 -39.35 -3.36
N ASN A 119 -21.20 -39.32 -3.94
CA ASN A 119 -20.65 -38.25 -4.76
C ASN A 119 -20.76 -36.84 -4.12
N ALA A 120 -20.04 -36.64 -3.00
CA ALA A 120 -20.01 -35.38 -2.26
C ALA A 120 -19.38 -34.25 -3.08
N LYS A 121 -18.44 -34.60 -3.98
CA LYS A 121 -17.74 -33.69 -4.90
C LYS A 121 -18.73 -33.08 -5.92
N GLY A 122 -19.81 -33.80 -6.21
CA GLY A 122 -20.86 -33.39 -7.14
C GLY A 122 -21.67 -32.20 -6.68
N PHE A 123 -21.80 -31.98 -5.37
CA PHE A 123 -22.55 -30.86 -4.78
C PHE A 123 -21.69 -29.59 -4.68
N MET A 124 -20.38 -29.73 -4.88
CA MET A 124 -19.38 -28.66 -4.77
C MET A 124 -19.38 -27.67 -5.93
N PRO A 125 -19.13 -26.35 -5.68
CA PRO A 125 -19.08 -25.41 -6.81
C PRO A 125 -17.83 -25.60 -7.64
N SER A 126 -18.02 -25.72 -8.98
CA SER A 126 -16.97 -25.97 -9.97
C SER A 126 -15.81 -24.98 -9.92
N THR A 127 -14.58 -25.51 -9.95
CA THR A 127 -13.35 -24.73 -9.96
C THR A 127 -13.10 -24.15 -11.36
N THR A 128 -13.70 -24.78 -12.40
CA THR A 128 -13.60 -24.35 -13.79
C THR A 128 -14.44 -23.09 -14.01
N ALA A 129 -15.64 -23.03 -13.39
CA ALA A 129 -16.56 -21.89 -13.47
C ALA A 129 -16.23 -20.81 -12.44
N TYR A 130 -15.87 -21.25 -11.21
CA TYR A 130 -15.53 -20.36 -10.11
C TYR A 130 -14.10 -20.64 -9.65
N PRO A 131 -13.09 -19.97 -10.28
CA PRO A 131 -11.69 -20.27 -9.95
C PRO A 131 -11.20 -19.70 -8.62
N PHE A 132 -10.00 -20.15 -8.20
CA PHE A 132 -9.32 -19.70 -6.98
C PHE A 132 -8.17 -18.76 -7.35
N ASN A 133 -8.14 -17.57 -6.73
CA ASN A 133 -7.11 -16.53 -6.88
C ASN A 133 -6.86 -16.02 -8.31
N ASP A 134 -7.85 -16.13 -9.21
CA ASP A 134 -7.76 -15.65 -10.59
C ASP A 134 -8.43 -14.27 -10.69
N ASN A 135 -7.61 -13.21 -10.54
CA ASN A 135 -8.05 -11.80 -10.55
C ASN A 135 -8.71 -11.34 -11.86
N SER A 136 -8.36 -11.99 -13.00
CA SER A 136 -8.93 -11.68 -14.30
C SER A 136 -10.32 -12.34 -14.50
N ARG A 137 -10.73 -13.16 -13.51
CA ARG A 137 -12.02 -13.87 -13.50
C ARG A 137 -12.80 -13.64 -12.19
N GLU A 138 -12.29 -12.74 -11.32
CA GLU A 138 -12.84 -12.37 -10.00
C GLU A 138 -14.37 -12.15 -9.99
N LYS A 139 -14.90 -11.39 -10.96
CA LYS A 139 -16.32 -11.05 -11.10
C LYS A 139 -17.25 -12.26 -11.21
N GLU A 140 -16.77 -13.37 -11.79
CA GLU A 140 -17.51 -14.62 -11.97
C GLU A 140 -17.79 -15.37 -10.65
N ASN A 141 -16.96 -15.12 -9.62
CA ASN A 141 -17.05 -15.76 -8.29
C ASN A 141 -18.15 -15.18 -7.38
N TYR A 142 -18.87 -14.13 -7.83
CA TYR A 142 -19.90 -13.49 -7.01
C TYR A 142 -21.35 -13.69 -7.45
N ILE A 143 -22.25 -13.81 -6.45
CA ILE A 143 -23.69 -13.97 -6.59
C ILE A 143 -24.35 -13.04 -5.57
N TYR A 144 -25.35 -12.25 -6.00
CA TYR A 144 -26.05 -11.31 -5.13
C TYR A 144 -27.55 -11.55 -5.16
N GLY A 145 -28.20 -11.43 -3.99
CA GLY A 145 -29.62 -11.63 -3.83
C GLY A 145 -30.23 -10.87 -2.66
N THR A 146 -31.52 -11.14 -2.38
CA THR A 146 -32.27 -10.50 -1.30
C THR A 146 -33.21 -11.48 -0.58
N CYS A 147 -33.20 -11.43 0.76
CA CYS A 147 -34.09 -12.19 1.64
C CYS A 147 -34.82 -11.18 2.54
N TYR A 148 -35.85 -11.63 3.27
CA TYR A 148 -36.63 -10.71 4.11
C TYR A 148 -36.73 -11.15 5.56
N TYR A 149 -36.87 -10.17 6.47
CA TYR A 149 -37.05 -10.41 7.89
C TYR A 149 -38.46 -9.98 8.28
N THR A 150 -39.24 -10.91 8.85
CA THR A 150 -40.60 -10.63 9.30
C THR A 150 -40.51 -9.96 10.67
N ALA A 151 -40.70 -8.63 10.70
CA ALA A 151 -40.62 -7.82 11.92
C ALA A 151 -41.81 -8.03 12.85
N SER A 152 -41.73 -7.50 14.09
CA SER A 152 -42.77 -7.61 15.12
C SER A 152 -44.12 -7.00 14.69
N ASP A 153 -44.08 -5.94 13.85
CA ASP A 153 -45.27 -5.27 13.32
C ASP A 153 -45.79 -5.95 12.03
N ARG A 154 -45.26 -7.16 11.72
CA ARG A 154 -45.60 -8.02 10.59
C ARG A 154 -45.29 -7.47 9.19
N THR A 155 -44.27 -6.60 9.10
CA THR A 155 -43.78 -6.00 7.86
C THR A 155 -42.45 -6.66 7.48
N ALA A 156 -42.18 -6.79 6.18
CA ALA A 156 -40.95 -7.42 5.67
C ALA A 156 -39.80 -6.42 5.53
N PHE A 157 -38.66 -6.73 6.17
CA PHE A 157 -37.44 -5.92 6.14
C PHE A 157 -36.46 -6.56 5.14
N PRO A 158 -36.08 -5.87 4.04
CA PRO A 158 -35.15 -6.49 3.07
C PRO A 158 -33.70 -6.53 3.53
N ILE A 159 -33.06 -7.71 3.37
CA ILE A 159 -31.66 -7.96 3.74
C ILE A 159 -30.87 -8.35 2.49
N ASP A 160 -29.75 -7.64 2.23
CA ASP A 160 -28.85 -7.90 1.09
C ASP A 160 -28.03 -9.16 1.33
N ILE A 161 -27.83 -9.98 0.28
CA ILE A 161 -27.05 -11.21 0.36
C ILE A 161 -25.88 -11.17 -0.63
N SER A 162 -24.66 -11.43 -0.13
CA SER A 162 -23.44 -11.50 -0.92
C SER A 162 -22.89 -12.93 -0.83
N VAL A 163 -22.90 -13.64 -1.96
CA VAL A 163 -22.43 -15.02 -2.05
C VAL A 163 -21.14 -15.11 -2.86
N MET A 164 -20.07 -15.64 -2.23
CA MET A 164 -18.77 -15.84 -2.85
C MET A 164 -18.52 -17.35 -2.97
N LEU A 165 -18.34 -17.83 -4.22
CA LEU A 165 -18.09 -19.24 -4.49
C LEU A 165 -16.60 -19.43 -4.78
N ASN A 166 -15.97 -20.35 -4.03
CA ASN A 166 -14.54 -20.67 -4.09
C ASN A 166 -13.69 -19.42 -3.83
N ARG A 167 -13.05 -18.84 -4.89
CA ARG A 167 -12.22 -17.63 -4.86
C ARG A 167 -11.07 -17.61 -3.85
N ARG A 168 -11.39 -17.62 -2.53
CA ARG A 168 -10.39 -17.59 -1.46
C ARG A 168 -10.32 -18.87 -0.66
N ALA A 169 -9.10 -19.38 -0.47
CA ALA A 169 -8.78 -20.57 0.33
C ALA A 169 -8.09 -20.12 1.61
N ILE A 170 -8.31 -20.85 2.72
CA ILE A 170 -7.70 -20.51 4.02
C ILE A 170 -6.48 -21.36 4.40
N ASN A 171 -6.39 -22.59 3.86
CA ASN A 171 -5.29 -23.53 4.08
C ASN A 171 -5.16 -24.57 2.96
N ASP A 172 -4.26 -25.57 3.13
CA ASP A 172 -4.02 -26.65 2.16
C ASP A 172 -5.19 -27.65 2.01
N GLU A 173 -6.12 -27.67 3.00
CA GLU A 173 -7.27 -28.56 3.02
C GLU A 173 -8.48 -28.05 2.24
N THR A 174 -8.72 -26.72 2.27
CA THR A 174 -9.87 -26.09 1.61
C THR A 174 -9.80 -26.11 0.08
N SER A 175 -10.51 -27.08 -0.52
CA SER A 175 -10.58 -27.28 -1.97
C SER A 175 -11.84 -26.65 -2.57
N TYR A 176 -12.92 -26.56 -1.78
CA TYR A 176 -14.21 -25.98 -2.19
C TYR A 176 -14.76 -25.08 -1.08
N CYS A 177 -15.11 -23.83 -1.44
CA CYS A 177 -15.61 -22.82 -0.50
C CYS A 177 -16.94 -22.20 -0.93
N ILE A 178 -17.81 -21.93 0.06
CA ILE A 178 -19.11 -21.25 -0.11
C ILE A 178 -19.23 -20.24 1.04
N ARG A 179 -19.33 -18.95 0.72
CA ARG A 179 -19.47 -17.88 1.70
C ARG A 179 -20.77 -17.11 1.48
N ILE A 180 -21.66 -17.07 2.49
CA ILE A 180 -22.95 -16.38 2.42
C ILE A 180 -22.97 -15.23 3.43
N THR A 181 -23.08 -13.97 2.94
CA THR A 181 -23.09 -12.78 3.80
C THR A 181 -24.45 -12.07 3.79
N TRP A 182 -25.12 -12.03 4.95
CA TRP A 182 -26.39 -11.32 5.15
C TRP A 182 -26.06 -9.94 5.71
N SER A 183 -26.53 -8.86 5.07
CA SER A 183 -26.24 -7.49 5.52
C SER A 183 -27.36 -6.48 5.27
N TRP A 184 -27.38 -5.40 6.07
CA TRP A 184 -28.30 -4.28 5.96
C TRP A 184 -27.72 -2.99 6.54
N ASN A 185 -28.02 -1.86 5.89
CA ASN A 185 -27.56 -0.53 6.31
C ASN A 185 -28.72 0.45 6.10
N THR A 186 -29.55 0.63 7.15
CA THR A 186 -30.73 1.50 7.13
C THR A 186 -30.71 2.57 8.23
N GLY A 187 -31.57 3.57 8.08
CA GLY A 187 -31.73 4.67 9.04
C GLY A 187 -32.42 4.22 10.32
N ASP A 188 -33.36 3.27 10.19
CA ASP A 188 -34.11 2.69 11.30
C ASP A 188 -33.82 1.20 11.43
N ALA A 189 -33.57 0.73 12.66
CA ALA A 189 -33.30 -0.67 12.97
C ALA A 189 -34.57 -1.52 12.82
N PRO A 190 -34.46 -2.81 12.38
CA PRO A 190 -35.68 -3.64 12.21
C PRO A 190 -36.56 -3.77 13.45
N GLU A 191 -35.95 -3.88 14.64
CA GLU A 191 -36.65 -4.04 15.93
C GLU A 191 -36.01 -3.19 17.04
N VAL A 192 -36.64 -3.21 18.23
CA VAL A 192 -36.16 -2.55 19.46
C VAL A 192 -36.02 -3.62 20.56
N GLN A 193 -35.29 -3.32 21.65
CA GLN A 193 -35.03 -4.23 22.77
C GLN A 193 -36.29 -4.94 23.33
N THR A 194 -37.45 -4.27 23.28
CA THR A 194 -38.73 -4.81 23.75
C THR A 194 -39.50 -5.59 22.68
N SER A 195 -39.29 -5.27 21.39
CA SER A 195 -39.98 -5.92 20.26
C SER A 195 -39.23 -7.13 19.68
N ALA A 196 -37.87 -7.11 19.75
CA ALA A 196 -37.01 -8.17 19.24
C ALA A 196 -37.22 -9.49 19.96
N THR A 197 -37.32 -10.60 19.19
CA THR A 197 -37.52 -11.95 19.70
C THR A 197 -36.49 -12.92 19.14
N THR A 198 -36.59 -13.24 17.83
CA THR A 198 -35.71 -14.17 17.14
C THR A 198 -35.35 -13.65 15.75
N LEU A 199 -34.04 -13.69 15.40
CA LEU A 199 -33.58 -13.26 14.08
C LEU A 199 -33.71 -14.44 13.11
N VAL A 200 -34.73 -14.36 12.24
CA VAL A 200 -35.04 -15.38 11.23
C VAL A 200 -35.09 -14.71 9.85
N THR A 201 -34.24 -15.18 8.93
CA THR A 201 -34.18 -14.67 7.55
C THR A 201 -35.02 -15.59 6.66
N SER A 202 -35.70 -15.02 5.65
CA SER A 202 -36.52 -15.78 4.70
C SER A 202 -35.62 -16.67 3.81
N PRO A 203 -36.09 -17.86 3.36
CA PRO A 203 -35.23 -18.72 2.54
C PRO A 203 -34.76 -18.09 1.24
N PHE A 204 -33.44 -18.16 0.99
CA PHE A 204 -32.82 -17.62 -0.22
C PHE A 204 -32.31 -18.76 -1.10
N THR A 205 -32.67 -18.70 -2.39
CA THR A 205 -32.29 -19.72 -3.37
C THR A 205 -31.37 -19.13 -4.45
N PHE A 206 -30.16 -19.69 -4.57
CA PHE A 206 -29.18 -19.29 -5.58
C PHE A 206 -28.71 -20.48 -6.42
N TYR A 207 -28.19 -20.21 -7.62
CA TYR A 207 -27.76 -21.25 -8.56
C TYR A 207 -26.30 -21.15 -8.97
N TYR A 208 -25.63 -22.31 -9.02
CA TYR A 208 -24.23 -22.40 -9.43
C TYR A 208 -23.91 -23.69 -10.18
N ILE A 209 -22.90 -23.63 -11.08
CA ILE A 209 -22.43 -24.78 -11.86
C ILE A 209 -21.65 -25.71 -10.92
N ARG A 210 -22.05 -26.99 -10.88
CA ARG A 210 -21.46 -27.99 -10.00
C ARG A 210 -20.22 -28.70 -10.55
N GLU A 211 -19.32 -29.12 -9.66
CA GLU A 211 -18.10 -29.86 -9.98
C GLU A 211 -18.50 -31.30 -10.30
N ASP A 212 -17.68 -32.01 -11.11
CA ASP A 212 -17.93 -33.39 -11.51
C ASP A 212 -17.86 -34.39 -10.35
N ASP A 213 -18.63 -35.49 -10.45
CA ASP A 213 -18.73 -36.56 -9.45
C ASP A 213 -17.41 -37.31 -9.29
N CYS B 1 6.17 -32.69 22.32
CA CYS B 1 6.83 -31.96 21.23
C CYS B 1 6.79 -30.44 21.48
N GLU B 2 6.38 -30.02 22.70
CA GLU B 2 6.25 -28.62 23.16
C GLU B 2 5.22 -27.82 22.34
N GLU B 3 5.07 -26.50 22.64
CA GLU B 3 4.13 -25.60 21.98
C GLU B 3 4.43 -25.47 20.47
N PRO B 4 3.40 -25.51 19.58
CA PRO B 4 3.65 -25.38 18.14
C PRO B 4 4.17 -24.00 17.74
N PRO B 5 5.00 -23.87 16.66
CA PRO B 5 5.53 -22.54 16.29
C PRO B 5 4.48 -21.48 15.96
N THR B 6 4.79 -20.22 16.31
CA THR B 6 3.92 -19.07 16.08
C THR B 6 4.35 -18.32 14.81
N PHE B 7 3.35 -17.92 13.98
CA PHE B 7 3.57 -17.23 12.72
C PHE B 7 2.79 -15.92 12.64
N GLU B 8 3.30 -14.95 11.86
CA GLU B 8 2.69 -13.62 11.69
C GLU B 8 1.50 -13.64 10.72
N ALA B 9 1.54 -14.52 9.69
CA ALA B 9 0.49 -14.63 8.67
C ALA B 9 -0.56 -15.70 8.95
N MET B 10 -0.17 -16.82 9.59
CA MET B 10 -1.10 -17.91 9.89
C MET B 10 -1.26 -18.21 11.38
N GLU B 11 -2.48 -18.62 11.79
CA GLU B 11 -2.84 -18.95 13.17
C GLU B 11 -3.24 -20.42 13.35
N LEU B 12 -2.90 -21.00 14.51
CA LEU B 12 -3.18 -22.40 14.86
C LEU B 12 -4.68 -22.64 15.11
N ILE B 13 -5.20 -23.77 14.57
CA ILE B 13 -6.60 -24.17 14.73
C ILE B 13 -6.72 -25.01 16.00
N GLY B 14 -7.46 -24.48 16.97
CA GLY B 14 -7.68 -25.10 18.27
C GLY B 14 -6.67 -24.67 19.32
N LYS B 15 -6.93 -25.02 20.59
CA LYS B 15 -6.07 -24.69 21.73
C LYS B 15 -4.75 -25.47 21.70
N PRO B 16 -3.58 -24.82 21.97
CA PRO B 16 -2.31 -25.57 21.95
C PRO B 16 -2.03 -26.35 23.23
N LYS B 17 -1.54 -27.59 23.08
CA LYS B 17 -1.19 -28.48 24.19
C LYS B 17 0.23 -28.16 24.71
N PRO B 18 0.53 -28.33 26.02
CA PRO B 18 1.91 -28.07 26.50
C PRO B 18 2.90 -29.13 26.03
N TYR B 19 2.40 -30.37 25.81
CA TYR B 19 3.17 -31.53 25.34
C TYR B 19 2.39 -32.29 24.25
N TYR B 20 3.11 -32.77 23.22
CA TYR B 20 2.54 -33.55 22.11
C TYR B 20 3.27 -34.88 21.96
N GLU B 21 2.57 -35.91 21.44
CA GLU B 21 3.12 -37.24 21.20
C GLU B 21 3.71 -37.34 19.79
N ILE B 22 4.53 -38.39 19.53
CA ILE B 22 5.16 -38.62 18.23
C ILE B 22 4.10 -39.06 17.22
N GLY B 23 3.95 -38.28 16.15
CA GLY B 23 2.98 -38.54 15.09
C GLY B 23 1.81 -37.57 15.07
N GLU B 24 1.63 -36.78 16.15
CA GLU B 24 0.56 -35.79 16.29
C GLU B 24 0.65 -34.68 15.24
N ARG B 25 -0.50 -34.34 14.62
CA ARG B 25 -0.60 -33.33 13.57
C ARG B 25 -1.34 -32.08 14.04
N VAL B 26 -0.77 -30.90 13.74
CA VAL B 26 -1.34 -29.58 14.04
C VAL B 26 -1.53 -28.79 12.75
N ASP B 27 -2.70 -28.15 12.59
CA ASP B 27 -3.02 -27.39 11.39
C ASP B 27 -3.11 -25.88 11.64
N TYR B 28 -2.71 -25.09 10.63
CA TYR B 28 -2.74 -23.63 10.65
C TYR B 28 -3.63 -23.11 9.53
N LYS B 29 -4.19 -21.90 9.71
CA LYS B 29 -5.01 -21.22 8.72
C LYS B 29 -4.60 -19.75 8.63
N CYS B 30 -4.68 -19.15 7.42
CA CYS B 30 -4.31 -17.76 7.19
C CYS B 30 -5.22 -16.84 8.02
N LYS B 31 -4.62 -15.86 8.71
CA LYS B 31 -5.31 -14.89 9.58
C LYS B 31 -6.27 -13.97 8.81
N LYS B 32 -7.06 -13.14 9.54
CA LYS B 32 -8.00 -12.19 8.95
C LYS B 32 -7.21 -11.14 8.15
N GLY B 33 -7.46 -11.10 6.85
CA GLY B 33 -6.78 -10.21 5.91
C GLY B 33 -5.65 -10.91 5.18
N TYR B 34 -5.67 -12.26 5.15
CA TYR B 34 -4.69 -13.11 4.49
C TYR B 34 -5.39 -14.25 3.74
N PHE B 35 -4.87 -14.61 2.55
CA PHE B 35 -5.40 -15.69 1.72
C PHE B 35 -4.31 -16.71 1.34
N TYR B 36 -4.70 -17.99 1.20
CA TYR B 36 -3.80 -19.09 0.86
C TYR B 36 -3.59 -19.26 -0.65
N ILE B 37 -2.32 -19.49 -1.04
CA ILE B 37 -1.89 -19.77 -2.42
C ILE B 37 -1.14 -21.11 -2.42
N PRO B 38 -1.54 -22.10 -3.26
CA PRO B 38 -0.84 -23.39 -3.28
C PRO B 38 0.58 -23.32 -3.89
N PRO B 39 1.47 -24.34 -3.72
CA PRO B 39 1.30 -25.66 -3.09
C PRO B 39 1.85 -25.85 -1.67
N LEU B 40 2.52 -24.84 -1.09
CA LEU B 40 3.14 -24.89 0.24
C LEU B 40 2.18 -25.29 1.37
N ALA B 41 2.61 -26.27 2.19
CA ALA B 41 1.85 -26.83 3.30
C ALA B 41 1.64 -25.85 4.45
N THR B 42 0.48 -25.94 5.12
CA THR B 42 0.08 -25.12 6.26
C THR B 42 -0.15 -26.01 7.51
N HIS B 43 0.50 -27.18 7.55
CA HIS B 43 0.41 -28.14 8.66
C HIS B 43 1.76 -28.79 8.95
N THR B 44 1.96 -29.24 10.20
CA THR B 44 3.19 -29.91 10.64
C THR B 44 2.92 -31.12 11.53
N ILE B 45 3.74 -32.18 11.37
CA ILE B 45 3.67 -33.43 12.12
C ILE B 45 4.96 -33.58 12.93
N CYS B 46 4.85 -34.00 14.21
CA CYS B 46 6.02 -34.19 15.07
C CYS B 46 6.77 -35.47 14.68
N ASP B 47 8.07 -35.32 14.33
CA ASP B 47 8.93 -36.44 13.93
C ASP B 47 9.43 -37.27 15.11
N ARG B 48 10.16 -38.37 14.82
CA ARG B 48 10.74 -39.31 15.80
C ARG B 48 11.72 -38.68 16.80
N ASN B 49 12.32 -37.53 16.43
CA ASN B 49 13.27 -36.80 17.28
C ASN B 49 12.58 -35.77 18.20
N HIS B 50 11.26 -35.93 18.42
CA HIS B 50 10.39 -35.08 19.26
C HIS B 50 10.36 -33.59 18.89
N THR B 51 10.52 -33.29 17.58
CA THR B 51 10.52 -31.92 17.04
C THR B 51 9.50 -31.80 15.90
N TRP B 52 9.04 -30.56 15.63
CA TRP B 52 8.08 -30.28 14.55
C TRP B 52 8.79 -30.19 13.21
N LEU B 53 8.19 -30.77 12.15
CA LEU B 53 8.72 -30.75 10.79
C LEU B 53 8.73 -29.32 10.21
N PRO B 54 9.66 -28.96 9.28
CA PRO B 54 9.69 -27.57 8.77
C PRO B 54 8.41 -27.11 8.08
N VAL B 55 7.88 -25.96 8.54
CA VAL B 55 6.66 -25.33 8.02
C VAL B 55 6.81 -23.79 8.02
N SER B 56 6.28 -23.13 6.97
CA SER B 56 6.36 -21.67 6.82
C SER B 56 5.01 -21.04 6.47
N ASP B 57 4.85 -19.75 6.80
CA ASP B 57 3.64 -18.96 6.52
C ASP B 57 3.74 -18.23 5.17
N ASP B 58 4.66 -18.69 4.30
CA ASP B 58 4.93 -18.14 2.96
C ASP B 58 3.77 -18.34 1.98
N ALA B 59 2.86 -19.29 2.26
CA ALA B 59 1.69 -19.59 1.45
C ALA B 59 0.57 -18.56 1.65
N CYS B 60 0.53 -17.89 2.82
CA CYS B 60 -0.46 -16.87 3.14
C CYS B 60 -0.02 -15.50 2.59
N TYR B 61 -0.87 -14.91 1.73
CA TYR B 61 -0.62 -13.61 1.11
C TYR B 61 -1.64 -12.58 1.59
N ARG B 62 -1.20 -11.32 1.78
CA ARG B 62 -2.02 -10.21 2.28
C ARG B 62 -3.17 -9.80 1.35
N GLU B 63 -4.37 -9.63 1.92
CA GLU B 63 -5.58 -9.18 1.22
C GLU B 63 -5.50 -7.68 1.02
N THR B 64 -5.72 -7.21 -0.22
CA THR B 64 -5.63 -5.78 -0.55
C THR B 64 -6.93 -5.17 -1.06
N CYS B 65 -7.17 -3.91 -0.66
CA CYS B 65 -8.33 -3.10 -1.06
C CYS B 65 -8.17 -2.62 -2.52
N PRO B 66 -9.27 -2.25 -3.23
CA PRO B 66 -9.12 -1.79 -4.63
C PRO B 66 -8.33 -0.49 -4.77
N TYR B 67 -7.67 -0.31 -5.92
CA TYR B 67 -6.86 0.86 -6.26
C TYR B 67 -7.72 2.13 -6.37
N ILE B 68 -7.46 3.13 -5.51
CA ILE B 68 -8.17 4.40 -5.53
C ILE B 68 -7.48 5.35 -6.49
N ARG B 69 -8.21 5.75 -7.55
CA ARG B 69 -7.76 6.69 -8.56
C ARG B 69 -7.80 8.09 -7.92
N ASP B 70 -6.72 8.88 -8.09
CA ASP B 70 -6.59 10.24 -7.56
C ASP B 70 -7.80 11.11 -7.90
N PRO B 71 -8.44 11.77 -6.92
CA PRO B 71 -9.61 12.61 -7.24
C PRO B 71 -9.21 13.83 -8.06
N LEU B 72 -10.13 14.30 -8.95
CA LEU B 72 -9.90 15.46 -9.82
C LEU B 72 -9.61 16.69 -8.96
N ASN B 73 -8.44 17.31 -9.20
CA ASN B 73 -7.90 18.48 -8.48
C ASN B 73 -7.61 18.16 -7.00
N GLY B 74 -7.11 16.94 -6.77
CA GLY B 74 -6.76 16.41 -5.46
C GLY B 74 -5.86 15.19 -5.56
N GLN B 75 -5.58 14.55 -4.40
CA GLN B 75 -4.72 13.36 -4.34
C GLN B 75 -5.10 12.36 -3.25
N ALA B 76 -4.83 11.06 -3.50
CA ALA B 76 -5.08 9.97 -2.57
C ALA B 76 -3.72 9.48 -2.07
N VAL B 77 -3.43 9.70 -0.78
CA VAL B 77 -2.15 9.32 -0.18
C VAL B 77 -2.29 8.14 0.80
N PRO B 78 -1.67 6.98 0.50
CA PRO B 78 -1.74 5.85 1.45
C PRO B 78 -0.77 6.12 2.60
N ALA B 79 -1.33 6.54 3.75
CA ALA B 79 -0.58 6.90 4.97
C ALA B 79 0.32 5.79 5.49
N ASN B 80 -0.13 4.53 5.40
CA ASN B 80 0.60 3.37 5.89
C ASN B 80 1.48 2.70 4.83
N GLY B 81 1.36 3.13 3.57
CA GLY B 81 2.17 2.62 2.47
C GLY B 81 1.43 1.93 1.33
N THR B 82 0.74 0.82 1.63
CA THR B 82 0.03 0.02 0.62
C THR B 82 -1.50 0.03 0.79
N TYR B 83 -2.17 -0.89 0.07
CA TYR B 83 -3.61 -1.11 0.06
C TYR B 83 -4.02 -2.31 0.96
N GLU B 84 -3.05 -2.82 1.73
CA GLU B 84 -3.22 -3.95 2.64
C GLU B 84 -4.27 -3.77 3.71
N PHE B 85 -4.79 -4.89 4.25
CA PHE B 85 -5.81 -4.91 5.30
C PHE B 85 -5.38 -4.19 6.58
N GLY B 86 -6.25 -3.32 7.09
CA GLY B 86 -6.01 -2.54 8.29
C GLY B 86 -5.38 -1.18 8.05
N TYR B 87 -5.15 -0.82 6.77
CA TYR B 87 -4.55 0.46 6.39
C TYR B 87 -5.60 1.52 6.03
N GLN B 88 -5.19 2.80 5.98
CA GLN B 88 -6.08 3.92 5.66
C GLN B 88 -5.63 4.77 4.46
N MET B 89 -6.58 5.48 3.84
CA MET B 89 -6.35 6.35 2.68
C MET B 89 -6.74 7.79 3.02
N HIS B 90 -5.76 8.71 2.91
CA HIS B 90 -5.95 10.14 3.19
C HIS B 90 -6.14 10.93 1.90
N PHE B 91 -7.01 11.96 1.93
CA PHE B 91 -7.31 12.79 0.77
C PHE B 91 -7.02 14.27 1.01
N ILE B 92 -6.23 14.87 0.11
CA ILE B 92 -5.83 16.29 0.16
C ILE B 92 -6.13 16.93 -1.20
N CYS B 93 -6.89 18.03 -1.21
CA CYS B 93 -7.25 18.76 -2.43
C CYS B 93 -6.16 19.75 -2.81
N ASN B 94 -6.02 20.02 -4.12
CA ASN B 94 -5.03 20.97 -4.68
C ASN B 94 -5.35 22.43 -4.30
N GLU B 95 -4.39 23.34 -4.51
CA GLU B 95 -4.50 24.78 -4.22
C GLU B 95 -5.72 25.40 -4.91
N GLY B 96 -6.66 25.88 -4.11
CA GLY B 96 -7.90 26.50 -4.58
C GLY B 96 -9.06 25.54 -4.73
N TYR B 97 -9.03 24.42 -3.99
CA TYR B 97 -10.07 23.40 -3.99
C TYR B 97 -10.35 22.89 -2.58
N TYR B 98 -11.65 22.69 -2.25
CA TYR B 98 -12.06 22.19 -0.93
C TYR B 98 -12.71 20.80 -1.02
N LEU B 99 -12.54 19.99 0.05
CA LEU B 99 -13.03 18.61 0.13
C LEU B 99 -14.52 18.48 0.48
N ILE B 100 -15.22 17.61 -0.27
CA ILE B 100 -16.63 17.27 -0.06
C ILE B 100 -16.72 15.73 0.04
N GLY B 101 -17.01 15.23 1.23
CA GLY B 101 -17.12 13.81 1.52
C GLY B 101 -16.23 13.40 2.68
N GLU B 102 -15.71 12.16 2.64
CA GLU B 102 -14.85 11.64 3.70
C GLU B 102 -13.36 11.85 3.40
N GLU B 103 -12.68 12.58 4.29
CA GLU B 103 -11.25 12.89 4.22
C GLU B 103 -10.41 11.63 4.41
N ILE B 104 -10.92 10.67 5.21
CA ILE B 104 -10.25 9.40 5.53
C ILE B 104 -11.14 8.18 5.22
N LEU B 105 -10.55 7.20 4.53
CA LEU B 105 -11.21 5.93 4.18
C LEU B 105 -10.37 4.79 4.74
N TYR B 106 -10.99 3.81 5.40
CA TYR B 106 -10.31 2.67 6.02
C TYR B 106 -10.56 1.38 5.25
N CYS B 107 -9.50 0.58 5.05
CA CYS B 107 -9.57 -0.71 4.35
C CYS B 107 -10.19 -1.75 5.27
N GLU B 108 -11.45 -2.10 5.01
CA GLU B 108 -12.24 -3.05 5.80
C GLU B 108 -12.42 -4.40 5.10
N LEU B 109 -12.87 -5.42 5.84
CA LEU B 109 -13.12 -6.76 5.32
C LEU B 109 -14.56 -7.17 5.64
N LYS B 110 -15.38 -7.33 4.60
CA LYS B 110 -16.80 -7.70 4.73
C LYS B 110 -17.10 -8.95 3.88
N GLY B 111 -17.18 -10.09 4.55
CA GLY B 111 -17.44 -11.39 3.93
C GLY B 111 -16.27 -11.88 3.10
N SER B 112 -15.05 -11.85 3.70
CA SER B 112 -13.76 -12.26 3.10
C SER B 112 -13.35 -11.47 1.85
N VAL B 113 -14.02 -10.32 1.60
CA VAL B 113 -13.76 -9.43 0.47
C VAL B 113 -13.29 -8.08 1.01
N ALA B 114 -12.10 -7.61 0.55
CA ALA B 114 -11.52 -6.34 0.98
C ALA B 114 -12.24 -5.17 0.30
N ILE B 115 -12.91 -4.33 1.09
CA ILE B 115 -13.68 -3.18 0.61
C ILE B 115 -13.40 -1.91 1.45
N TRP B 116 -13.34 -0.74 0.79
CA TRP B 116 -13.10 0.55 1.45
C TRP B 116 -14.33 0.99 2.24
N SER B 117 -14.13 1.87 3.26
CA SER B 117 -15.17 2.41 4.14
C SER B 117 -16.33 3.09 3.40
N GLY B 118 -16.02 3.79 2.32
CA GLY B 118 -17.01 4.49 1.50
C GLY B 118 -16.50 4.98 0.16
N LYS B 119 -17.31 5.82 -0.51
CA LYS B 119 -17.00 6.40 -1.81
C LYS B 119 -15.95 7.51 -1.67
N PRO B 120 -14.95 7.63 -2.60
CA PRO B 120 -13.94 8.69 -2.46
C PRO B 120 -14.49 10.13 -2.53
N PRO B 121 -13.86 11.12 -1.87
CA PRO B 121 -14.40 12.50 -1.91
C PRO B 121 -14.17 13.25 -3.22
N ILE B 122 -14.81 14.42 -3.36
CA ILE B 122 -14.74 15.31 -4.52
C ILE B 122 -14.10 16.64 -4.10
N CYS B 123 -13.16 17.17 -4.92
CA CYS B 123 -12.49 18.44 -4.67
C CYS B 123 -13.16 19.55 -5.51
N GLU B 124 -14.05 20.33 -4.86
CA GLU B 124 -14.80 21.42 -5.48
C GLU B 124 -14.03 22.74 -5.47
N LYS B 125 -14.22 23.55 -6.53
CA LYS B 125 -13.58 24.86 -6.73
C LYS B 125 -13.92 25.84 -5.60
N VAL B 126 -12.90 26.55 -5.08
CA VAL B 126 -13.05 27.51 -3.99
C VAL B 126 -13.66 28.83 -4.49
N LEU B 127 -14.80 29.21 -3.90
CA LEU B 127 -15.54 30.45 -4.21
C LEU B 127 -15.85 31.20 -2.93
N CYS B 128 -15.66 32.53 -2.94
CA CYS B 128 -15.90 33.38 -1.76
C CYS B 128 -16.80 34.58 -2.06
N THR B 129 -17.57 35.00 -1.03
CA THR B 129 -18.51 36.14 -1.06
C THR B 129 -17.76 37.48 -1.23
N PRO B 130 -18.44 38.61 -1.61
CA PRO B 130 -17.72 39.89 -1.78
C PRO B 130 -16.92 40.38 -0.56
N PRO B 131 -15.85 41.19 -0.76
CA PRO B 131 -15.06 41.65 0.40
C PRO B 131 -15.81 42.62 1.32
N PRO B 132 -15.37 42.82 2.60
CA PRO B 132 -16.11 43.72 3.50
C PRO B 132 -16.17 45.19 3.06
N LYS B 133 -17.34 45.81 3.26
CA LYS B 133 -17.58 47.22 2.91
C LYS B 133 -16.95 48.11 3.98
N ILE B 134 -16.03 49.00 3.59
CA ILE B 134 -15.34 49.90 4.51
C ILE B 134 -15.88 51.32 4.46
N LYS B 135 -15.90 52.01 5.63
CA LYS B 135 -16.36 53.39 5.74
C LYS B 135 -15.30 54.34 5.19
N ASN B 136 -15.73 55.29 4.33
CA ASN B 136 -14.91 56.32 3.67
C ASN B 136 -13.90 55.77 2.65
N GLY B 137 -14.15 54.57 2.14
CA GLY B 137 -13.31 53.90 1.15
C GLY B 137 -14.04 52.90 0.29
N LYS B 138 -13.53 52.67 -0.93
CA LYS B 138 -14.09 51.73 -1.89
C LYS B 138 -13.04 50.81 -2.53
N HIS B 139 -13.47 49.61 -2.96
CA HIS B 139 -12.61 48.60 -3.58
C HIS B 139 -12.96 48.35 -5.06
N THR B 140 -12.01 47.73 -5.81
CA THR B 140 -12.19 47.37 -7.22
C THR B 140 -13.14 46.17 -7.31
N PHE B 141 -13.78 45.97 -8.49
CA PHE B 141 -14.75 44.90 -8.77
C PHE B 141 -15.95 44.96 -7.79
N SER B 142 -16.46 46.18 -7.55
CA SER B 142 -17.57 46.48 -6.63
C SER B 142 -18.90 45.85 -7.01
N GLU B 143 -19.14 45.61 -8.32
CA GLU B 143 -20.38 45.01 -8.81
C GLU B 143 -20.33 43.47 -8.95
N VAL B 144 -19.13 42.87 -8.80
CA VAL B 144 -18.91 41.42 -8.88
C VAL B 144 -19.52 40.74 -7.64
N GLU B 145 -20.42 39.75 -7.86
CA GLU B 145 -21.14 39.02 -6.82
C GLU B 145 -20.38 37.82 -6.26
N VAL B 146 -19.76 36.99 -7.14
CA VAL B 146 -19.02 35.79 -6.73
C VAL B 146 -17.55 35.89 -7.16
N PHE B 147 -16.62 35.64 -6.22
CA PHE B 147 -15.18 35.67 -6.46
C PHE B 147 -14.56 34.28 -6.36
N GLU B 148 -13.72 33.92 -7.36
CA GLU B 148 -13.02 32.62 -7.38
C GLU B 148 -11.61 32.75 -6.78
N TYR B 149 -10.83 31.63 -6.73
CA TYR B 149 -9.49 31.58 -6.16
C TYR B 149 -8.50 32.56 -6.79
N LEU B 150 -7.67 33.21 -5.93
CA LEU B 150 -6.65 34.20 -6.27
C LEU B 150 -7.15 35.54 -6.86
N ASP B 151 -8.48 35.77 -6.89
CA ASP B 151 -9.06 37.02 -7.38
C ASP B 151 -8.79 38.14 -6.37
N ALA B 152 -7.96 39.11 -6.77
CA ALA B 152 -7.52 40.22 -5.92
C ALA B 152 -8.34 41.50 -6.14
N VAL B 153 -8.59 42.22 -5.03
CA VAL B 153 -9.31 43.50 -5.01
C VAL B 153 -8.49 44.59 -4.32
N THR B 154 -8.32 45.74 -4.97
CA THR B 154 -7.54 46.86 -4.44
C THR B 154 -8.43 47.95 -3.85
N TYR B 155 -8.18 48.32 -2.59
CA TYR B 155 -8.92 49.35 -1.84
C TYR B 155 -8.28 50.73 -2.01
N SER B 156 -9.11 51.77 -2.08
CA SER B 156 -8.69 53.17 -2.21
C SER B 156 -9.65 54.09 -1.45
N CYS B 157 -9.10 55.02 -0.67
CA CYS B 157 -9.88 55.99 0.11
C CYS B 157 -10.57 57.04 -0.75
N ASP B 158 -11.70 57.57 -0.25
CA ASP B 158 -12.50 58.61 -0.90
C ASP B 158 -11.75 59.96 -0.91
N PRO B 159 -12.08 60.93 -1.80
CA PRO B 159 -11.34 62.22 -1.81
C PRO B 159 -11.38 62.98 -0.49
N ALA B 160 -10.36 63.84 -0.25
CA ALA B 160 -10.16 64.65 0.95
C ALA B 160 -11.43 65.38 1.45
N PRO B 161 -11.85 65.16 2.72
CA PRO B 161 -13.06 65.85 3.21
C PRO B 161 -12.78 67.27 3.75
N GLY B 162 -11.72 67.89 3.24
CA GLY B 162 -11.30 69.23 3.63
C GLY B 162 -9.81 69.46 3.40
N PRO B 163 -9.11 70.10 4.37
CA PRO B 163 -7.67 70.34 4.17
C PRO B 163 -6.77 69.13 4.41
N ASP B 164 -7.29 68.10 5.11
CA ASP B 164 -6.56 66.87 5.42
C ASP B 164 -7.20 65.66 4.70
N PRO B 165 -6.41 64.84 3.96
CA PRO B 165 -7.03 63.69 3.27
C PRO B 165 -7.14 62.42 4.11
N PHE B 166 -7.91 61.43 3.62
CA PHE B 166 -8.10 60.14 4.28
C PHE B 166 -6.83 59.30 4.12
N SER B 167 -6.37 58.69 5.22
CA SER B 167 -5.18 57.85 5.23
C SER B 167 -5.54 56.36 5.21
N LEU B 168 -4.84 55.58 4.37
CA LEU B 168 -5.06 54.14 4.24
C LEU B 168 -4.13 53.37 5.18
N ILE B 169 -4.73 52.64 6.14
CA ILE B 169 -3.99 51.84 7.13
C ILE B 169 -4.13 50.35 6.82
N GLY B 170 -3.01 49.72 6.52
CA GLY B 170 -2.94 48.30 6.19
C GLY B 170 -2.73 48.03 4.71
N GLU B 171 -2.81 46.75 4.30
CA GLU B 171 -2.64 46.34 2.91
C GLU B 171 -3.86 46.69 2.06
N SER B 172 -3.63 47.35 0.91
CA SER B 172 -4.66 47.78 -0.02
C SER B 172 -5.25 46.64 -0.84
N THR B 173 -4.41 45.65 -1.22
CA THR B 173 -4.83 44.51 -2.04
C THR B 173 -5.02 43.22 -1.23
N ILE B 174 -6.24 42.66 -1.29
CA ILE B 174 -6.63 41.41 -0.63
C ILE B 174 -7.18 40.40 -1.65
N TYR B 175 -6.85 39.12 -1.49
CA TYR B 175 -7.29 38.06 -2.41
C TYR B 175 -8.07 36.92 -1.73
N CYS B 176 -8.78 36.11 -2.53
CA CYS B 176 -9.56 34.97 -2.06
C CYS B 176 -8.61 33.81 -1.70
N GLY B 177 -8.60 33.44 -0.43
CA GLY B 177 -7.75 32.38 0.11
C GLY B 177 -8.22 30.98 -0.18
N ASP B 178 -7.47 29.98 0.31
CA ASP B 178 -7.76 28.56 0.12
C ASP B 178 -8.90 28.04 0.99
N ASN B 179 -9.18 28.70 2.13
CA ASN B 179 -10.24 28.31 3.06
C ASN B 179 -11.54 29.11 2.84
N SER B 180 -11.76 29.59 1.59
CA SER B 180 -12.91 30.40 1.15
C SER B 180 -13.06 31.73 1.92
N VAL B 181 -11.96 32.19 2.55
CA VAL B 181 -11.89 33.43 3.33
C VAL B 181 -10.82 34.35 2.74
N TRP B 182 -11.06 35.69 2.82
CA TRP B 182 -10.14 36.70 2.29
C TRP B 182 -8.81 36.74 3.05
N SER B 183 -7.69 36.61 2.30
CA SER B 183 -6.30 36.55 2.76
C SER B 183 -5.95 37.41 3.96
N ARG B 184 -6.33 38.70 3.95
CA ARG B 184 -6.06 39.65 5.02
C ARG B 184 -7.30 40.48 5.35
N ALA B 185 -7.30 41.12 6.53
CA ALA B 185 -8.40 41.98 6.99
C ALA B 185 -8.47 43.25 6.13
N ALA B 186 -9.70 43.75 5.90
CA ALA B 186 -9.95 44.95 5.10
C ALA B 186 -9.30 46.21 5.71
N PRO B 187 -8.62 47.06 4.89
CA PRO B 187 -7.96 48.25 5.44
C PRO B 187 -8.91 49.35 5.93
N GLU B 188 -8.35 50.35 6.65
CA GLU B 188 -9.11 51.47 7.21
C GLU B 188 -8.83 52.79 6.49
N CYS B 189 -9.89 53.60 6.29
CA CYS B 189 -9.82 54.93 5.67
C CYS B 189 -10.19 55.97 6.74
N LYS B 190 -9.20 56.36 7.54
CA LYS B 190 -9.33 57.29 8.66
C LYS B 190 -8.48 58.55 8.43
N VAL B 191 -8.98 59.72 8.91
CA VAL B 191 -8.25 60.99 8.81
C VAL B 191 -7.16 60.97 9.89
N VAL B 192 -5.91 60.75 9.47
CA VAL B 192 -4.76 60.68 10.38
C VAL B 192 -3.93 61.95 10.25
N LYS B 193 -3.84 62.73 11.35
CA LYS B 193 -3.06 63.97 11.41
C LYS B 193 -2.38 64.09 12.77
N CYS B 194 -1.05 64.08 12.77
CA CYS B 194 -0.22 64.18 13.98
C CYS B 194 0.11 65.63 14.34
N ARG B 195 0.35 65.87 15.65
CA ARG B 195 0.73 67.19 16.19
C ARG B 195 2.13 67.59 15.71
N PHE B 196 2.41 68.91 15.65
CA PHE B 196 3.71 69.42 15.22
C PHE B 196 4.80 69.03 16.24
N PRO B 197 5.81 68.22 15.83
CA PRO B 197 6.84 67.82 16.80
C PRO B 197 7.87 68.91 17.07
N VAL B 198 7.95 69.34 18.33
CA VAL B 198 8.88 70.37 18.80
C VAL B 198 9.69 69.85 20.00
N VAL B 199 11.03 69.85 19.85
CA VAL B 199 11.95 69.36 20.88
C VAL B 199 12.74 70.54 21.45
N GLU B 200 12.70 70.71 22.79
CA GLU B 200 13.43 71.76 23.50
C GLU B 200 14.93 71.46 23.46
N ASN B 201 15.74 72.48 23.11
CA ASN B 201 17.21 72.40 22.96
C ASN B 201 17.64 71.40 21.86
N GLY B 202 16.79 71.27 20.83
CA GLY B 202 16.99 70.37 19.70
C GLY B 202 16.47 70.96 18.40
N LYS B 203 17.09 70.59 17.27
CA LYS B 203 16.74 71.08 15.93
C LYS B 203 16.28 69.93 15.03
N GLN B 204 15.27 70.20 14.19
CA GLN B 204 14.73 69.24 13.22
C GLN B 204 15.70 69.13 12.04
N ILE B 205 15.97 67.88 11.58
CA ILE B 205 16.91 67.62 10.48
C ILE B 205 16.29 67.03 9.21
N SER B 206 15.15 66.32 9.32
CA SER B 206 14.46 65.72 8.17
C SER B 206 12.93 65.72 8.32
N GLY B 207 12.23 65.61 7.19
CA GLY B 207 10.77 65.57 7.13
C GLY B 207 10.14 66.92 7.46
N PHE B 208 10.55 67.96 6.72
CA PHE B 208 10.06 69.33 6.90
C PHE B 208 8.70 69.55 6.23
N GLY B 209 7.83 70.27 6.93
CA GLY B 209 6.47 70.59 6.49
C GLY B 209 5.60 71.09 7.61
N LYS B 210 4.43 71.66 7.28
CA LYS B 210 3.49 72.19 8.27
C LYS B 210 2.45 71.18 8.76
N LYS B 211 2.16 70.14 7.95
CA LYS B 211 1.20 69.09 8.29
C LYS B 211 1.81 67.69 8.18
N PHE B 212 1.54 66.83 9.18
CA PHE B 212 2.07 65.47 9.26
C PHE B 212 0.93 64.45 9.32
N TYR B 213 0.89 63.53 8.33
CA TYR B 213 -0.13 62.49 8.23
C TYR B 213 0.42 61.10 8.61
N TYR B 214 -0.27 60.01 8.20
CA TYR B 214 0.10 58.62 8.50
C TYR B 214 1.45 58.23 7.89
N LYS B 215 2.30 57.55 8.69
CA LYS B 215 3.65 57.06 8.35
C LYS B 215 4.68 58.18 8.04
N ALA B 216 4.46 59.39 8.59
CA ALA B 216 5.36 60.53 8.40
C ALA B 216 6.60 60.37 9.28
N THR B 217 7.79 60.45 8.67
CA THR B 217 9.08 60.28 9.35
C THR B 217 9.77 61.62 9.59
N VAL B 218 10.11 61.91 10.86
CA VAL B 218 10.78 63.14 11.30
C VAL B 218 12.01 62.77 12.16
N MET B 219 13.17 63.40 11.87
CA MET B 219 14.41 63.18 12.62
C MET B 219 14.83 64.42 13.42
N PHE B 220 15.46 64.21 14.59
CA PHE B 220 15.91 65.30 15.46
C PHE B 220 17.38 65.21 15.85
N GLU B 221 18.01 66.39 16.05
CA GLU B 221 19.41 66.54 16.45
C GLU B 221 19.50 67.54 17.61
N CYS B 222 20.11 67.13 18.74
CA CYS B 222 20.26 67.98 19.92
C CYS B 222 21.34 69.05 19.75
N ASP B 223 21.20 70.18 20.47
CA ASP B 223 22.15 71.30 20.45
C ASP B 223 23.43 70.96 21.24
N LYS B 224 24.44 71.86 21.19
CA LYS B 224 25.73 71.70 21.87
C LYS B 224 25.58 71.56 23.39
N GLY B 225 26.14 70.47 23.92
CA GLY B 225 26.10 70.14 25.33
C GLY B 225 24.77 69.56 25.80
N PHE B 226 24.09 68.82 24.90
CA PHE B 226 22.80 68.18 25.17
C PHE B 226 22.75 66.75 24.60
N TYR B 227 22.27 65.80 25.42
CA TYR B 227 22.16 64.39 25.02
C TYR B 227 20.70 64.00 24.73
N LEU B 228 20.50 63.14 23.71
CA LEU B 228 19.18 62.67 23.29
C LEU B 228 18.65 61.59 24.24
N ASP B 229 17.39 61.76 24.69
CA ASP B 229 16.72 60.82 25.58
C ASP B 229 15.60 60.10 24.80
N GLY B 230 15.97 58.99 24.18
CA GLY B 230 15.09 58.17 23.36
C GLY B 230 15.63 57.93 21.97
N SER B 231 14.72 57.97 20.96
CA SER B 231 15.07 57.75 19.56
C SER B 231 15.03 59.06 18.74
N ASP B 232 16.00 59.22 17.83
CA ASP B 232 16.09 60.40 16.96
C ASP B 232 15.02 60.38 15.86
N THR B 233 14.64 59.17 15.39
CA THR B 233 13.65 58.96 14.34
C THR B 233 12.27 58.67 14.96
N ILE B 234 11.25 59.45 14.57
CA ILE B 234 9.86 59.32 15.05
C ILE B 234 8.86 59.19 13.90
N VAL B 235 7.93 58.20 14.00
CA VAL B 235 6.93 57.91 12.98
C VAL B 235 5.50 58.07 13.53
N CYS B 236 4.64 58.80 12.80
CA CYS B 236 3.24 59.05 13.16
C CYS B 236 2.42 57.78 12.91
N ASP B 237 1.78 57.23 13.97
CA ASP B 237 0.97 56.00 13.87
C ASP B 237 -0.47 56.23 13.39
N SER B 238 -1.26 55.15 13.29
CA SER B 238 -2.66 55.13 12.84
C SER B 238 -3.63 55.88 13.77
N ASN B 239 -3.29 55.97 15.08
CA ASN B 239 -4.12 56.65 16.08
C ASN B 239 -3.69 58.11 16.35
N SER B 240 -3.06 58.75 15.34
CA SER B 240 -2.56 60.15 15.36
C SER B 240 -1.63 60.47 16.55
N THR B 241 -0.68 59.56 16.83
CA THR B 241 0.30 59.67 17.91
C THR B 241 1.70 59.34 17.37
N TRP B 242 2.74 60.00 17.90
CA TRP B 242 4.12 59.76 17.48
C TRP B 242 4.68 58.51 18.17
N ASP B 243 5.08 57.51 17.36
CA ASP B 243 5.62 56.24 17.84
C ASP B 243 7.04 56.01 17.27
N PRO B 244 8.12 56.05 18.09
CA PRO B 244 8.18 56.27 19.56
C PRO B 244 7.81 57.70 19.96
N PRO B 245 7.49 58.01 21.25
CA PRO B 245 7.13 59.39 21.62
C PRO B 245 8.22 60.43 21.34
N VAL B 246 7.79 61.70 21.16
CA VAL B 246 8.65 62.86 20.84
C VAL B 246 9.87 62.92 21.79
N PRO B 247 11.11 62.90 21.26
CA PRO B 247 12.30 62.92 22.15
C PRO B 247 12.52 64.22 22.91
N LYS B 248 13.44 64.19 23.90
CA LYS B 248 13.80 65.34 24.73
C LYS B 248 15.32 65.45 24.86
N CYS B 249 15.87 66.67 24.63
CA CYS B 249 17.29 66.92 24.75
C CYS B 249 17.60 67.45 26.16
N LEU B 250 18.29 66.61 26.97
CA LEU B 250 18.64 66.94 28.35
C LEU B 250 20.08 67.43 28.48
N LYS B 251 20.31 68.42 29.36
CA LYS B 251 21.60 69.05 29.63
C LYS B 251 22.58 68.09 30.32
N VAL B 252 23.84 68.15 29.88
CA VAL B 252 24.95 67.34 30.42
C VAL B 252 25.58 68.09 31.60
N ASP C 17 25.59 45.43 -15.15
CA ASP C 17 25.33 43.99 -15.16
C ASP C 17 25.67 43.38 -13.78
N ASN C 18 26.30 42.17 -13.76
CA ASN C 18 26.70 41.39 -12.58
C ASN C 18 25.56 40.90 -11.69
N ILE C 19 24.46 41.67 -11.58
CA ILE C 19 23.26 41.32 -10.80
C ILE C 19 22.39 40.28 -11.52
N ASN C 20 22.64 40.03 -12.81
CA ASN C 20 21.92 39.04 -13.62
C ASN C 20 22.42 37.61 -13.38
N THR C 21 23.51 37.46 -12.61
CA THR C 21 24.12 36.17 -12.29
C THR C 21 24.08 35.89 -10.79
N LEU C 22 23.70 34.65 -10.42
CA LEU C 22 23.66 34.14 -9.04
C LEU C 22 24.47 32.85 -9.08
N TRP C 23 25.72 32.89 -8.57
CA TRP C 23 26.62 31.74 -8.64
C TRP C 23 27.40 31.38 -7.37
N THR C 24 28.09 30.22 -7.41
CA THR C 24 28.94 29.67 -6.36
C THR C 24 30.37 30.20 -6.48
N GLY C 25 30.67 30.80 -7.63
CA GLY C 25 31.99 31.32 -7.96
C GLY C 25 32.78 30.34 -8.82
N VAL C 26 34.06 30.66 -9.09
CA VAL C 26 34.92 29.79 -9.90
C VAL C 26 35.94 29.09 -9.03
N ASN C 27 35.90 27.74 -9.04
CA ASN C 27 36.78 26.81 -8.32
C ASN C 27 37.18 27.29 -6.91
N PRO C 28 36.29 27.14 -5.89
CA PRO C 28 36.65 27.57 -4.54
C PRO C 28 37.80 26.76 -3.95
N THR C 29 38.55 27.36 -3.00
CA THR C 29 39.71 26.73 -2.35
C THR C 29 39.29 25.46 -1.61
N GLU C 30 38.18 25.53 -0.86
CA GLU C 30 37.65 24.41 -0.08
C GLU C 30 36.32 23.90 -0.64
N ALA C 31 35.92 22.68 -0.25
CA ALA C 31 34.67 22.05 -0.68
C ALA C 31 33.47 22.78 -0.05
N ASN C 32 32.48 23.11 -0.89
CA ASN C 32 31.28 23.86 -0.47
C ASN C 32 29.99 23.02 -0.54
N CYS C 33 30.10 21.71 -0.84
CA CYS C 33 28.94 20.84 -0.98
C CYS C 33 29.12 19.46 -0.35
N GLN C 34 28.04 18.96 0.29
CA GLN C 34 27.95 17.63 0.89
C GLN C 34 26.83 16.90 0.14
N ILE C 35 27.19 16.32 -1.01
CA ILE C 35 26.29 15.63 -1.93
C ILE C 35 25.74 14.28 -1.45
N MET C 36 26.50 13.56 -0.59
CA MET C 36 26.10 12.25 -0.09
C MET C 36 25.98 12.16 1.44
N ASN C 37 24.94 11.42 1.90
CA ASN C 37 24.59 11.20 3.31
C ASN C 37 25.71 10.54 4.13
N SER C 38 26.49 9.63 3.49
CA SER C 38 27.60 8.90 4.10
C SER C 38 28.77 9.77 4.56
N SER C 39 28.89 11.01 4.01
CA SER C 39 29.96 11.95 4.34
C SER C 39 29.73 12.69 5.66
N GLU C 40 30.83 12.94 6.39
CA GLU C 40 30.85 13.65 7.68
C GLU C 40 30.96 15.17 7.48
N SER C 41 31.69 15.60 6.44
CA SER C 41 31.90 17.00 6.07
C SER C 41 31.69 17.17 4.56
N ASN C 42 31.93 18.40 4.02
CA ASN C 42 31.77 18.72 2.59
C ASN C 42 32.68 17.84 1.74
N ASP C 43 32.06 17.06 0.81
CA ASP C 43 32.71 16.08 -0.04
C ASP C 43 33.11 16.53 -1.47
N CYS C 44 32.46 17.59 -2.00
CA CYS C 44 32.72 18.07 -3.36
C CYS C 44 32.56 19.59 -3.53
N LYS C 45 32.99 20.09 -4.71
CA LYS C 45 32.88 21.49 -5.11
C LYS C 45 31.77 21.62 -6.15
N LEU C 46 30.57 22.07 -5.72
CA LEU C 46 29.44 22.26 -6.62
C LEU C 46 29.55 23.61 -7.30
N ILE C 47 29.59 23.60 -8.65
CA ILE C 47 29.69 24.82 -9.45
C ILE C 47 28.33 25.05 -10.11
N LEU C 48 27.54 25.97 -9.53
CA LEU C 48 26.21 26.33 -10.03
C LEU C 48 26.19 27.79 -10.45
N THR C 49 25.75 28.05 -11.70
CA THR C 49 25.65 29.39 -12.27
C THR C 49 24.24 29.58 -12.85
N LEU C 50 23.48 30.52 -12.26
CA LEU C 50 22.12 30.84 -12.69
C LEU C 50 22.12 32.24 -13.31
N VAL C 51 21.88 32.31 -14.63
CA VAL C 51 21.90 33.57 -15.39
C VAL C 51 20.50 33.94 -15.86
N LYS C 52 20.07 35.19 -15.57
CA LYS C 52 18.77 35.72 -15.98
C LYS C 52 18.79 36.04 -17.48
N THR C 53 18.04 35.27 -18.27
CA THR C 53 17.92 35.44 -19.73
C THR C 53 16.44 35.55 -20.10
N GLY C 54 15.91 36.77 -20.01
CA GLY C 54 14.51 37.08 -20.30
C GLY C 54 13.59 36.52 -19.23
N ALA C 55 12.59 35.74 -19.66
CA ALA C 55 11.62 35.09 -18.77
C ALA C 55 12.11 33.71 -18.30
N LEU C 56 13.35 33.34 -18.69
CA LEU C 56 13.97 32.07 -18.35
C LEU C 56 15.28 32.25 -17.58
N VAL C 57 15.81 31.15 -17.02
CA VAL C 57 17.09 31.12 -16.30
C VAL C 57 18.01 30.08 -16.94
N THR C 58 19.23 30.53 -17.32
CA THR C 58 20.26 29.66 -17.89
C THR C 58 20.98 29.02 -16.71
N ALA C 59 20.67 27.75 -16.43
CA ALA C 59 21.27 27.01 -15.32
C ALA C 59 22.47 26.22 -15.82
N PHE C 60 23.63 26.42 -15.17
CA PHE C 60 24.91 25.79 -15.51
C PHE C 60 25.38 25.05 -14.25
N VAL C 61 25.44 23.70 -14.30
CA VAL C 61 25.80 22.89 -13.14
C VAL C 61 26.75 21.70 -13.41
N TYR C 62 27.80 21.57 -12.56
CA TYR C 62 28.78 20.47 -12.57
C TYR C 62 29.49 20.31 -11.23
N VAL C 63 30.03 19.11 -10.96
CA VAL C 63 30.71 18.77 -9.71
C VAL C 63 32.21 18.44 -9.88
N ILE C 64 33.02 18.84 -8.89
CA ILE C 64 34.47 18.56 -8.82
C ILE C 64 34.70 17.85 -7.48
N GLY C 65 35.26 16.64 -7.55
CA GLY C 65 35.54 15.80 -6.40
C GLY C 65 36.60 16.33 -5.45
N VAL C 66 36.37 16.14 -4.13
CA VAL C 66 37.28 16.58 -3.06
C VAL C 66 37.66 15.39 -2.17
N SER C 67 36.65 14.76 -1.52
CA SER C 67 36.85 13.61 -0.62
C SER C 67 37.20 12.34 -1.40
N ASN C 68 37.90 11.40 -0.75
CA ASN C 68 38.30 10.12 -1.34
C ASN C 68 37.10 9.24 -1.68
N ASN C 69 36.13 9.11 -0.75
CA ASN C 69 34.91 8.30 -0.92
C ASN C 69 34.05 8.73 -2.11
N PHE C 70 33.96 10.05 -2.38
CA PHE C 70 33.20 10.59 -3.52
C PHE C 70 33.96 10.34 -4.82
N ASN C 71 35.30 10.45 -4.79
CA ASN C 71 36.18 10.20 -5.95
C ASN C 71 36.20 8.72 -6.33
N MET C 72 35.93 7.82 -5.35
CA MET C 72 35.92 6.37 -5.55
C MET C 72 34.57 5.84 -6.09
N LEU C 73 33.65 6.73 -6.51
CA LEU C 73 32.35 6.34 -7.09
C LEU C 73 32.56 5.84 -8.53
N THR C 74 33.68 6.24 -9.16
CA THR C 74 34.08 5.84 -10.52
C THR C 74 34.50 4.37 -10.62
N THR C 75 34.71 3.69 -9.47
CA THR C 75 35.10 2.28 -9.41
C THR C 75 33.87 1.35 -9.42
N HIS C 76 32.67 1.91 -9.20
CA HIS C 76 31.40 1.19 -9.17
C HIS C 76 30.64 1.35 -10.48
N ARG C 77 29.81 0.36 -10.85
CA ARG C 77 29.04 0.35 -12.10
C ARG C 77 27.61 0.92 -11.98
N ASN C 78 27.05 0.99 -10.75
CA ASN C 78 25.71 1.52 -10.48
C ASN C 78 25.80 2.56 -9.35
N ILE C 79 25.84 3.86 -9.71
CA ILE C 79 25.96 4.99 -8.78
C ILE C 79 24.97 6.11 -9.11
N ASN C 80 24.37 6.73 -8.06
CA ASN C 80 23.47 7.86 -8.18
C ASN C 80 23.63 8.84 -7.01
N PHE C 81 23.88 10.13 -7.32
CA PHE C 81 24.04 11.19 -6.32
C PHE C 81 23.23 12.44 -6.66
N THR C 82 22.52 12.99 -5.65
CA THR C 82 21.63 14.15 -5.80
C THR C 82 22.13 15.38 -5.04
N ALA C 83 22.09 16.55 -5.72
CA ALA C 83 22.45 17.85 -5.15
C ALA C 83 21.16 18.62 -4.90
N GLU C 84 20.66 18.55 -3.66
CA GLU C 84 19.42 19.21 -3.25
C GLU C 84 19.68 20.69 -2.93
N LEU C 85 18.91 21.59 -3.56
CA LEU C 85 19.01 23.03 -3.35
C LEU C 85 17.68 23.58 -2.87
N PHE C 86 17.63 24.03 -1.62
CA PHE C 86 16.43 24.58 -0.98
C PHE C 86 16.54 26.08 -0.76
N PHE C 87 15.46 26.81 -1.04
CA PHE C 87 15.38 28.27 -0.94
C PHE C 87 14.12 28.72 -0.22
N ASP C 88 14.21 29.83 0.53
CA ASP C 88 13.08 30.42 1.27
C ASP C 88 12.16 31.25 0.37
N SER C 89 11.17 31.95 0.98
CA SER C 89 10.20 32.81 0.28
C SER C 89 10.85 33.97 -0.48
N THR C 90 11.93 34.54 0.08
CA THR C 90 12.68 35.66 -0.53
C THR C 90 13.66 35.22 -1.63
N GLY C 91 13.88 33.91 -1.74
CA GLY C 91 14.76 33.32 -2.74
C GLY C 91 16.19 33.09 -2.28
N ASN C 92 16.42 33.09 -0.96
CA ASN C 92 17.73 32.89 -0.36
C ASN C 92 17.95 31.42 0.02
N LEU C 93 19.13 30.87 -0.31
CA LEU C 93 19.51 29.47 -0.07
C LEU C 93 19.52 29.10 1.42
N LEU C 94 18.90 27.97 1.75
CA LEU C 94 18.83 27.43 3.11
C LEU C 94 19.95 26.40 3.24
N THR C 95 21.16 26.88 3.60
CA THR C 95 22.40 26.11 3.75
C THR C 95 22.29 24.87 4.65
N ARG C 96 21.52 24.97 5.74
CA ARG C 96 21.30 23.88 6.71
C ARG C 96 20.55 22.69 6.11
N LEU C 97 19.66 22.96 5.12
CA LEU C 97 18.84 21.94 4.45
C LEU C 97 19.45 21.48 3.13
N SER C 98 20.00 22.42 2.34
CA SER C 98 20.61 22.19 1.03
C SER C 98 21.93 21.42 1.11
N SER C 99 22.32 20.79 -0.01
CA SER C 99 23.57 20.05 -0.17
C SER C 99 24.73 21.06 -0.19
N LEU C 100 24.51 22.23 -0.83
CA LEU C 100 25.45 23.33 -0.92
C LEU C 100 25.43 24.06 0.43
N LYS C 101 26.60 24.14 1.08
CA LYS C 101 26.75 24.74 2.42
C LYS C 101 27.20 26.21 2.42
N THR C 102 27.39 26.80 1.22
CA THR C 102 27.81 28.19 1.05
C THR C 102 26.71 28.95 0.27
N PRO C 103 26.21 30.11 0.77
CA PRO C 103 25.15 30.82 0.03
C PRO C 103 25.60 31.41 -1.30
N LEU C 104 24.70 31.38 -2.30
CA LEU C 104 24.93 31.90 -3.64
C LEU C 104 24.91 33.44 -3.63
N ASN C 105 25.71 34.07 -4.49
CA ASN C 105 25.78 35.53 -4.62
C ASN C 105 26.16 35.97 -6.05
N HIS C 106 26.13 37.29 -6.33
CA HIS C 106 26.43 37.88 -7.64
C HIS C 106 27.89 37.75 -8.07
N LYS C 107 28.15 38.05 -9.36
CA LYS C 107 29.47 38.00 -9.98
C LYS C 107 30.32 39.19 -9.54
N SER C 108 31.53 38.89 -9.03
CA SER C 108 32.54 39.87 -8.60
C SER C 108 33.86 39.36 -9.18
N GLY C 109 33.98 39.48 -10.51
CA GLY C 109 35.12 38.99 -11.26
C GLY C 109 34.96 37.50 -11.47
N GLN C 110 35.86 36.71 -10.89
CA GLN C 110 35.81 35.24 -10.97
C GLN C 110 35.26 34.64 -9.67
N ASN C 111 35.03 35.50 -8.65
CA ASN C 111 34.53 35.10 -7.34
C ASN C 111 33.13 35.66 -7.05
N MET C 112 32.55 35.30 -5.88
CA MET C 112 31.24 35.74 -5.44
C MET C 112 31.32 37.14 -4.83
N ALA C 113 30.20 37.89 -4.91
CA ALA C 113 30.09 39.22 -4.31
C ALA C 113 29.78 39.05 -2.82
N THR C 114 30.05 40.08 -2.00
CA THR C 114 29.83 40.03 -0.56
C THR C 114 28.54 40.74 -0.11
N GLY C 115 28.08 41.70 -0.91
CA GLY C 115 26.90 42.50 -0.64
C GLY C 115 25.56 41.81 -0.79
N ALA C 116 24.48 42.61 -0.76
CA ALA C 116 23.09 42.18 -0.86
C ALA C 116 22.75 41.61 -2.24
N ILE C 117 21.80 40.66 -2.29
CA ILE C 117 21.36 40.03 -3.53
C ILE C 117 20.14 40.78 -4.08
N THR C 118 20.29 41.36 -5.28
CA THR C 118 19.24 42.11 -5.98
C THR C 118 18.34 41.10 -6.69
N ASN C 119 17.04 41.07 -6.28
CA ASN C 119 15.98 40.20 -6.80
C ASN C 119 16.34 38.71 -6.80
N ALA C 120 16.52 38.13 -5.59
CA ALA C 120 16.84 36.71 -5.39
C ALA C 120 15.68 35.81 -5.82
N LYS C 121 14.43 36.31 -5.70
CA LYS C 121 13.18 35.64 -6.08
C LYS C 121 13.12 35.42 -7.60
N GLY C 122 13.77 36.29 -8.36
CA GLY C 122 13.83 36.25 -9.81
C GLY C 122 14.59 35.09 -10.41
N PHE C 123 15.54 34.49 -9.64
CA PHE C 123 16.35 33.36 -10.08
C PHE C 123 15.67 32.01 -9.77
N MET C 124 14.57 32.05 -9.01
CA MET C 124 13.82 30.89 -8.55
C MET C 124 12.90 30.25 -9.59
N PRO C 125 12.68 28.92 -9.56
CA PRO C 125 11.74 28.30 -10.53
C PRO C 125 10.30 28.67 -10.19
N SER C 126 9.54 29.08 -11.23
CA SER C 126 8.15 29.50 -11.11
C SER C 126 7.23 28.42 -10.55
N THR C 127 6.43 28.79 -9.53
CA THR C 127 5.44 27.91 -8.90
C THR C 127 4.22 27.76 -9.81
N THR C 128 4.05 28.71 -10.76
CA THR C 128 2.97 28.73 -11.75
C THR C 128 3.31 27.72 -12.87
N ALA C 129 4.60 27.55 -13.20
CA ALA C 129 5.09 26.62 -14.22
C ALA C 129 5.44 25.26 -13.64
N TYR C 130 6.02 25.23 -12.43
CA TYR C 130 6.43 24.02 -11.74
C TYR C 130 5.75 24.01 -10.36
N PRO C 131 4.51 23.47 -10.27
CA PRO C 131 3.78 23.51 -8.99
C PRO C 131 4.25 22.52 -7.94
N PHE C 132 3.79 22.73 -6.68
CA PHE C 132 4.07 21.87 -5.54
C PHE C 132 2.88 20.96 -5.25
N ASN C 133 3.15 19.64 -5.14
CA ASN C 133 2.19 18.59 -4.80
C ASN C 133 0.97 18.45 -5.74
N ASP C 134 1.10 18.87 -7.02
CA ASP C 134 0.03 18.76 -8.02
C ASP C 134 0.29 17.53 -8.89
N ASN C 135 -0.34 16.39 -8.54
CA ASN C 135 -0.18 15.10 -9.23
C ASN C 135 -0.63 15.10 -10.69
N SER C 136 -1.65 15.93 -11.03
CA SER C 136 -2.15 16.05 -12.40
C SER C 136 -1.19 16.86 -13.29
N ARG C 137 -0.26 17.61 -12.66
CA ARG C 137 0.74 18.43 -13.35
C ARG C 137 2.18 17.98 -13.00
N GLU C 138 2.33 16.77 -12.41
CA GLU C 138 3.59 16.15 -11.99
C GLU C 138 4.67 16.14 -13.09
N LYS C 139 4.29 15.71 -14.32
CA LYS C 139 5.17 15.58 -15.49
C LYS C 139 5.89 16.88 -15.87
N GLU C 140 5.26 18.04 -15.60
CA GLU C 140 5.80 19.37 -15.88
C GLU C 140 7.00 19.76 -15.00
N ASN C 141 7.15 19.10 -13.83
CA ASN C 141 8.22 19.37 -12.86
C ASN C 141 9.57 18.69 -13.17
N TYR C 142 9.63 17.82 -14.20
CA TYR C 142 10.86 17.10 -14.53
C TYR C 142 11.58 17.56 -15.80
N ILE C 143 12.93 17.55 -15.74
CA ILE C 143 13.84 17.91 -16.83
C ILE C 143 14.96 16.86 -16.88
N TYR C 144 15.27 16.36 -18.08
CA TYR C 144 16.30 15.33 -18.27
C TYR C 144 17.38 15.74 -19.27
N GLY C 145 18.61 15.31 -19.01
CA GLY C 145 19.77 15.59 -19.85
C GLY C 145 20.92 14.61 -19.67
N THR C 146 22.05 14.89 -20.34
CA THR C 146 23.25 14.04 -20.30
C THR C 146 24.55 14.86 -20.24
N CYS C 147 25.45 14.49 -19.31
CA CYS C 147 26.79 15.08 -19.16
C CYS C 147 27.82 13.96 -19.35
N TYR C 148 29.11 14.29 -19.34
CA TYR C 148 30.16 13.30 -19.58
C TYR C 148 31.30 13.34 -18.56
N TYR C 149 31.96 12.18 -18.37
CA TYR C 149 33.12 12.04 -17.50
C TYR C 149 34.32 11.63 -18.34
N THR C 150 35.40 12.42 -18.28
CA THR C 150 36.65 12.13 -19.00
C THR C 150 37.45 11.16 -18.15
N ALA C 151 37.52 9.89 -18.59
CA ALA C 151 38.23 8.82 -17.89
C ALA C 151 39.76 8.90 -18.07
N SER C 152 40.51 8.00 -17.38
CA SER C 152 41.97 7.93 -17.44
C SER C 152 42.50 7.70 -18.86
N ASP C 153 41.78 6.89 -19.67
CA ASP C 153 42.12 6.59 -21.06
C ASP C 153 41.64 7.69 -22.03
N ARG C 154 41.25 8.86 -21.49
CA ARG C 154 40.77 10.06 -22.21
C ARG C 154 39.50 9.86 -23.06
N THR C 155 38.63 8.94 -22.62
CA THR C 155 37.36 8.63 -23.27
C THR C 155 36.20 9.29 -22.52
N ALA C 156 35.08 9.55 -23.20
CA ALA C 156 33.90 10.19 -22.60
C ALA C 156 32.86 9.18 -22.11
N PHE C 157 32.62 9.16 -20.79
CA PHE C 157 31.66 8.28 -20.13
C PHE C 157 30.35 9.04 -19.89
N PRO C 158 29.22 8.67 -20.56
CA PRO C 158 27.97 9.42 -20.38
C PRO C 158 27.25 9.17 -19.05
N ILE C 159 26.84 10.27 -18.39
CA ILE C 159 26.12 10.25 -17.11
C ILE C 159 24.73 10.90 -17.33
N ASP C 160 23.67 10.21 -16.90
CA ASP C 160 22.29 10.69 -17.01
C ASP C 160 21.97 11.70 -15.91
N ILE C 161 21.20 12.74 -16.26
CA ILE C 161 20.81 13.80 -15.30
C ILE C 161 19.28 13.89 -15.19
N SER C 162 18.78 13.89 -13.94
CA SER C 162 17.36 14.04 -13.62
C SER C 162 17.21 15.30 -12.77
N VAL C 163 16.51 16.31 -13.32
CA VAL C 163 16.29 17.59 -12.65
C VAL C 163 14.83 17.72 -12.22
N MET C 164 14.60 17.95 -10.92
CA MET C 164 13.28 18.13 -10.35
C MET C 164 13.16 19.56 -9.82
N LEU C 165 12.28 20.35 -10.44
CA LEU C 165 12.04 21.74 -10.07
C LEU C 165 10.81 21.82 -9.18
N ASN C 166 10.97 22.41 -7.98
CA ASN C 166 9.94 22.57 -6.95
C ASN C 166 9.35 21.21 -6.54
N ARG C 167 8.10 20.89 -6.96
CA ARG C 167 7.37 19.64 -6.71
C ARG C 167 7.24 19.20 -5.25
N ARG C 168 8.38 18.88 -4.59
CA ARG C 168 8.40 18.42 -3.20
C ARG C 168 9.08 19.38 -2.24
N ALA C 169 8.40 19.69 -1.13
CA ALA C 169 8.89 20.55 -0.05
C ALA C 169 9.25 19.65 1.14
N ILE C 170 10.22 20.08 1.97
CA ILE C 170 10.63 19.30 3.14
C ILE C 170 10.13 19.87 4.47
N ASN C 171 9.85 21.19 4.52
CA ASN C 171 9.34 21.90 5.70
C ASN C 171 8.58 23.18 5.33
N ASP C 172 8.21 24.00 6.35
CA ASP C 172 7.49 25.26 6.17
C ASP C 172 8.33 26.38 5.53
N GLU C 173 9.68 26.25 5.55
CA GLU C 173 10.61 27.22 4.98
C GLU C 173 10.84 27.07 3.48
N THR C 174 10.86 25.82 2.98
CA THR C 174 11.10 25.51 1.56
C THR C 174 10.00 25.99 0.62
N SER C 175 10.26 27.12 -0.06
CA SER C 175 9.33 27.75 -1.01
C SER C 175 9.75 27.47 -2.46
N TYR C 176 11.06 27.28 -2.71
CA TYR C 176 11.62 27.00 -4.03
C TYR C 176 12.68 25.91 -3.92
N CYS C 177 12.58 24.88 -4.79
CA CYS C 177 13.48 23.72 -4.79
C CYS C 177 14.09 23.41 -6.16
N ILE C 178 15.37 22.97 -6.16
CA ILE C 178 16.12 22.53 -7.34
C ILE C 178 16.88 21.25 -6.93
N ARG C 179 16.49 20.11 -7.51
CA ARG C 179 17.14 18.82 -7.24
C ARG C 179 17.79 18.29 -8.51
N ILE C 180 19.13 18.17 -8.52
CA ILE C 180 19.89 17.69 -9.68
C ILE C 180 20.47 16.31 -9.33
N THR C 181 20.05 15.27 -10.08
CA THR C 181 20.46 13.88 -9.86
C THR C 181 21.36 13.34 -10.98
N TRP C 182 22.62 13.00 -10.66
CA TRP C 182 23.58 12.41 -11.58
C TRP C 182 23.55 10.89 -11.39
N SER C 183 23.35 10.12 -12.48
CA SER C 183 23.28 8.66 -12.38
C SER C 183 23.83 7.92 -13.60
N TRP C 184 24.33 6.68 -13.36
CA TRP C 184 24.85 5.78 -14.39
C TRP C 184 24.68 4.31 -14.01
N ASN C 185 24.27 3.48 -14.97
CA ASN C 185 24.06 2.04 -14.81
C ASN C 185 24.62 1.34 -16.05
N THR C 186 25.88 0.87 -15.95
CA THR C 186 26.61 0.22 -17.04
C THR C 186 27.15 -1.16 -16.64
N GLY C 187 27.62 -1.91 -17.65
CA GLY C 187 28.22 -3.23 -17.46
C GLY C 187 29.59 -3.13 -16.84
N ASP C 188 30.39 -2.14 -17.30
CA ASP C 188 31.74 -1.88 -16.80
C ASP C 188 31.80 -0.50 -16.15
N ALA C 189 32.48 -0.41 -15.00
CA ALA C 189 32.67 0.83 -14.25
C ALA C 189 33.60 1.78 -15.04
N PRO C 190 33.41 3.12 -14.98
CA PRO C 190 34.28 4.02 -15.77
C PRO C 190 35.77 3.97 -15.43
N GLU C 191 36.11 3.69 -14.15
CA GLU C 191 37.51 3.62 -13.68
C GLU C 191 37.75 2.45 -12.72
N VAL C 192 39.04 2.18 -12.41
CA VAL C 192 39.48 1.17 -11.45
C VAL C 192 40.25 1.87 -10.32
N GLN C 193 40.49 1.17 -9.19
CA GLN C 193 41.20 1.70 -8.01
C GLN C 193 42.53 2.41 -8.33
N THR C 194 43.31 1.84 -9.28
CA THR C 194 44.61 2.38 -9.71
C THR C 194 44.51 3.54 -10.72
N SER C 195 43.42 3.59 -11.52
CA SER C 195 43.21 4.62 -12.55
C SER C 195 42.38 5.85 -12.11
N ALA C 196 41.48 5.68 -11.13
CA ALA C 196 40.62 6.74 -10.62
C ALA C 196 41.39 7.83 -9.87
N THR C 197 41.06 9.11 -10.15
CA THR C 197 41.68 10.28 -9.53
C THR C 197 40.64 11.24 -8.93
N THR C 198 39.96 12.03 -9.78
CA THR C 198 38.96 13.00 -9.36
C THR C 198 37.66 12.85 -10.16
N LEU C 199 36.51 12.81 -9.47
CA LEU C 199 35.21 12.70 -10.12
C LEU C 199 34.76 14.10 -10.56
N VAL C 200 34.93 14.37 -11.87
CA VAL C 200 34.58 15.64 -12.51
C VAL C 200 33.58 15.39 -13.64
N THR C 201 32.38 16.00 -13.54
CA THR C 201 31.33 15.89 -14.56
C THR C 201 31.40 17.09 -15.49
N SER C 202 31.09 16.89 -16.79
CA SER C 202 31.09 17.97 -17.77
C SER C 202 29.93 18.94 -17.47
N PRO C 203 30.06 20.27 -17.74
CA PRO C 203 28.95 21.19 -17.44
C PRO C 203 27.65 20.86 -18.14
N PHE C 204 26.54 20.94 -17.40
CA PHE C 204 25.20 20.68 -17.91
C PHE C 204 24.36 21.96 -17.87
N THR C 205 23.77 22.31 -19.03
CA THR C 205 22.95 23.51 -19.15
C THR C 205 21.47 23.17 -19.36
N PHE C 206 20.62 23.56 -18.39
CA PHE C 206 19.17 23.37 -18.46
C PHE C 206 18.41 24.69 -18.35
N TYR C 207 17.17 24.72 -18.85
CA TYR C 207 16.35 25.93 -18.86
C TYR C 207 15.02 25.78 -18.16
N TYR C 208 14.63 26.81 -17.38
CA TYR C 208 13.37 26.83 -16.67
C TYR C 208 12.76 28.23 -16.59
N ILE C 209 11.42 28.30 -16.52
CA ILE C 209 10.67 29.56 -16.39
C ILE C 209 10.89 30.11 -14.97
N ARG C 210 11.36 31.36 -14.89
CA ARG C 210 11.66 32.02 -13.62
C ARG C 210 10.47 32.67 -12.92
N GLU C 211 10.53 32.77 -11.58
CA GLU C 211 9.51 33.39 -10.75
C GLU C 211 9.66 34.92 -10.85
N ASP C 212 8.55 35.66 -10.62
CA ASP C 212 8.52 37.12 -10.67
C ASP C 212 9.33 37.75 -9.55
N ASP C 213 9.99 38.88 -9.86
CA ASP C 213 10.84 39.63 -8.92
C ASP C 213 10.01 40.29 -7.81
N CYS D 1 13.80 24.88 28.45
CA CYS D 1 13.34 23.69 27.74
C CYS D 1 14.42 22.61 27.71
N GLU D 2 13.98 21.33 27.73
CA GLU D 2 14.89 20.18 27.67
C GLU D 2 15.00 19.69 26.20
N GLU D 3 15.27 18.39 25.97
CA GLU D 3 15.39 17.80 24.64
C GLU D 3 14.11 17.99 23.80
N PRO D 4 14.23 18.42 22.52
CA PRO D 4 13.01 18.64 21.70
C PRO D 4 12.24 17.35 21.39
N PRO D 5 10.90 17.39 21.21
CA PRO D 5 10.14 16.15 20.94
C PRO D 5 10.54 15.40 19.67
N THR D 6 10.38 14.07 19.70
CA THR D 6 10.69 13.17 18.58
C THR D 6 9.41 12.78 17.84
N PHE D 7 9.49 12.73 16.49
CA PHE D 7 8.35 12.38 15.64
C PHE D 7 8.69 11.28 14.64
N GLU D 8 7.68 10.49 14.23
CA GLU D 8 7.83 9.39 13.28
C GLU D 8 7.97 9.87 11.83
N ALA D 9 7.30 10.99 11.49
CA ALA D 9 7.32 11.55 10.13
C ALA D 9 8.39 12.62 9.88
N MET D 10 8.70 13.44 10.91
CA MET D 10 9.71 14.50 10.79
C MET D 10 10.89 14.37 11.76
N GLU D 11 12.09 14.79 11.30
CA GLU D 11 13.34 14.74 12.07
C GLU D 11 13.94 16.12 12.32
N LEU D 12 14.57 16.30 13.49
CA LEU D 12 15.21 17.56 13.93
C LEU D 12 16.46 17.89 13.11
N ILE D 13 16.63 19.17 12.77
CA ILE D 13 17.77 19.69 12.01
C ILE D 13 18.85 20.11 13.02
N GLY D 14 19.99 19.41 12.98
CA GLY D 14 21.11 19.65 13.88
C GLY D 14 21.05 18.82 15.14
N LYS D 15 22.14 18.85 15.93
CA LYS D 15 22.26 18.11 17.20
C LYS D 15 21.41 18.72 18.31
N PRO D 16 20.66 17.91 19.10
CA PRO D 16 19.84 18.49 20.18
C PRO D 16 20.64 18.84 21.43
N LYS D 17 20.30 19.97 22.06
CA LYS D 17 20.93 20.48 23.28
C LYS D 17 20.24 19.91 24.54
N PRO D 18 20.97 19.68 25.66
CA PRO D 18 20.30 19.16 26.87
C PRO D 18 19.44 20.22 27.58
N TYR D 19 19.75 21.51 27.34
CA TYR D 19 19.04 22.66 27.91
C TYR D 19 18.91 23.78 26.88
N TYR D 20 17.69 24.33 26.75
CA TYR D 20 17.35 25.43 25.83
C TYR D 20 16.83 26.64 26.60
N GLU D 21 17.20 27.85 26.15
CA GLU D 21 16.78 29.11 26.74
C GLU D 21 15.40 29.54 26.21
N ILE D 22 14.75 30.51 26.89
CA ILE D 22 13.44 31.04 26.50
C ILE D 22 13.58 31.85 25.20
N GLY D 23 12.82 31.46 24.19
CA GLY D 23 12.82 32.10 22.87
C GLY D 23 13.54 31.33 21.80
N GLU D 24 14.33 30.30 22.18
CA GLU D 24 15.10 29.46 21.25
C GLU D 24 14.17 28.65 20.33
N ARG D 25 14.52 28.62 19.03
CA ARG D 25 13.74 27.94 17.99
C ARG D 25 14.46 26.68 17.47
N VAL D 26 13.67 25.60 17.28
CA VAL D 26 14.13 24.33 16.72
C VAL D 26 13.26 23.95 15.52
N ASP D 27 13.90 23.64 14.38
CA ASP D 27 13.20 23.28 13.15
C ASP D 27 13.26 21.79 12.83
N TYR D 28 12.19 21.27 12.21
CA TYR D 28 12.07 19.87 11.79
C TYR D 28 11.84 19.80 10.28
N LYS D 29 12.32 18.71 9.66
CA LYS D 29 12.14 18.43 8.23
C LYS D 29 11.57 17.03 8.06
N CYS D 30 10.72 16.82 7.02
CA CYS D 30 10.13 15.51 6.74
C CYS D 30 11.23 14.51 6.41
N LYS D 31 11.16 13.31 7.02
CA LYS D 31 12.13 12.21 6.85
C LYS D 31 12.20 11.68 5.41
N LYS D 32 13.15 10.75 5.15
CA LYS D 32 13.33 10.13 3.83
C LYS D 32 12.11 9.26 3.51
N GLY D 33 11.40 9.63 2.44
CA GLY D 33 10.17 8.98 2.01
C GLY D 33 8.92 9.70 2.50
N TYR D 34 9.09 10.99 2.86
CA TYR D 34 8.02 11.86 3.36
C TYR D 34 8.11 13.25 2.71
N PHE D 35 6.95 13.83 2.35
CA PHE D 35 6.86 15.17 1.74
C PHE D 35 5.98 16.10 2.55
N TYR D 36 6.29 17.41 2.52
CA TYR D 36 5.56 18.45 3.25
C TYR D 36 4.35 18.99 2.49
N ILE D 37 3.22 19.13 3.20
CA ILE D 37 1.98 19.71 2.70
C ILE D 37 1.60 20.90 3.60
N PRO D 38 1.37 22.12 3.04
CA PRO D 38 1.02 23.27 3.88
C PRO D 38 -0.39 23.19 4.49
N PRO D 39 -0.78 24.01 5.50
CA PRO D 39 -0.06 25.13 6.13
C PRO D 39 0.61 24.87 7.49
N LEU D 40 0.39 23.67 8.09
CA LEU D 40 0.91 23.28 9.41
C LEU D 40 2.41 23.46 9.58
N ALA D 41 2.80 24.09 10.71
CA ALA D 41 4.19 24.39 11.05
C ALA D 41 5.02 23.16 11.39
N THR D 42 6.33 23.23 11.09
CA THR D 42 7.32 22.18 11.36
C THR D 42 8.44 22.72 12.28
N HIS D 43 8.10 23.74 13.09
CA HIS D 43 9.03 24.39 14.03
C HIS D 43 8.34 24.78 15.34
N THR D 44 9.11 24.84 16.44
CA THR D 44 8.62 25.22 17.76
C THR D 44 9.57 26.18 18.50
N ILE D 45 9.00 27.07 19.33
CA ILE D 45 9.73 28.06 20.13
C ILE D 45 9.51 27.80 21.62
N CYS D 46 10.59 27.86 22.42
CA CYS D 46 10.57 27.64 23.87
C CYS D 46 9.87 28.83 24.56
N ASP D 47 8.67 28.59 25.11
CA ASP D 47 7.87 29.63 25.77
C ASP D 47 8.36 30.00 27.18
N ARG D 48 7.71 31.01 27.80
CA ARG D 48 8.02 31.56 29.13
C ARG D 48 7.91 30.52 30.26
N ASN D 49 7.01 29.53 30.12
CA ASN D 49 6.79 28.46 31.11
C ASN D 49 7.78 27.28 30.98
N HIS D 50 8.90 27.49 30.23
CA HIS D 50 9.96 26.51 29.97
C HIS D 50 9.51 25.22 29.27
N THR D 51 8.51 25.34 28.38
CA THR D 51 7.94 24.25 27.59
C THR D 51 7.91 24.63 26.10
N TRP D 52 7.88 23.62 25.21
CA TRP D 52 7.82 23.86 23.76
C TRP D 52 6.38 24.12 23.32
N LEU D 53 6.21 25.01 22.33
CA LEU D 53 4.90 25.36 21.77
C LEU D 53 4.27 24.17 21.00
N PRO D 54 2.92 24.07 20.88
CA PRO D 54 2.33 22.91 20.18
C PRO D 54 2.76 22.75 18.72
N VAL D 55 3.34 21.57 18.41
CA VAL D 55 3.83 21.18 17.08
C VAL D 55 3.48 19.70 16.79
N SER D 56 3.17 19.38 15.52
CA SER D 56 2.81 18.04 15.09
C SER D 56 3.41 17.67 13.73
N ASP D 57 3.59 16.36 13.48
CA ASP D 57 4.13 15.81 12.24
C ASP D 57 3.04 15.50 11.19
N ASP D 58 1.84 16.11 11.36
CA ASP D 58 0.68 15.95 10.47
C ASP D 58 0.90 16.52 9.08
N ALA D 59 1.81 17.51 8.94
CA ALA D 59 2.15 18.17 7.68
C ALA D 59 2.91 17.25 6.72
N CYS D 60 3.69 16.28 7.25
CA CYS D 60 4.45 15.32 6.45
C CYS D 60 3.56 14.15 6.00
N TYR D 61 3.59 13.85 4.69
CA TYR D 61 2.81 12.77 4.07
C TYR D 61 3.73 11.75 3.40
N ARG D 62 3.34 10.46 3.44
CA ARG D 62 4.10 9.34 2.88
C ARG D 62 4.26 9.35 1.36
N GLU D 63 5.50 9.14 0.89
CA GLU D 63 5.84 9.05 -0.54
C GLU D 63 5.58 7.62 -1.00
N THR D 64 4.80 7.45 -2.08
CA THR D 64 4.47 6.12 -2.60
C THR D 64 4.87 5.91 -4.05
N CYS D 65 5.31 4.68 -4.35
CA CYS D 65 5.71 4.24 -5.69
C CYS D 65 4.48 4.11 -6.62
N PRO D 66 4.62 4.19 -7.96
CA PRO D 66 3.43 4.08 -8.84
C PRO D 66 2.72 2.73 -8.74
N TYR D 67 1.39 2.75 -8.97
CA TYR D 67 0.53 1.55 -8.93
C TYR D 67 0.87 0.60 -10.08
N ILE D 68 1.11 -0.67 -9.73
CA ILE D 68 1.40 -1.73 -10.71
C ILE D 68 0.12 -2.51 -10.97
N ARG D 69 -0.31 -2.54 -12.24
CA ARG D 69 -1.49 -3.30 -12.67
C ARG D 69 -1.14 -4.79 -12.68
N ASP D 70 -2.13 -5.67 -12.46
CA ASP D 70 -1.93 -7.11 -12.46
C ASP D 70 -1.43 -7.59 -13.82
N PRO D 71 -0.29 -8.33 -13.89
CA PRO D 71 0.20 -8.81 -15.20
C PRO D 71 -0.74 -9.84 -15.81
N LEU D 72 -0.77 -9.90 -17.17
CA LEU D 72 -1.61 -10.83 -17.92
C LEU D 72 -1.38 -12.26 -17.46
N ASN D 73 -2.45 -12.91 -16.95
CA ASN D 73 -2.48 -14.27 -16.39
C ASN D 73 -1.60 -14.40 -15.12
N GLY D 74 -1.65 -13.36 -14.31
CA GLY D 74 -0.92 -13.25 -13.05
C GLY D 74 -1.47 -12.18 -12.13
N GLN D 75 -0.80 -11.92 -11.00
CA GLN D 75 -1.21 -10.92 -10.02
C GLN D 75 -0.06 -10.25 -9.27
N ALA D 76 -0.26 -8.98 -8.86
CA ALA D 76 0.69 -8.20 -8.10
C ALA D 76 0.13 -8.02 -6.68
N VAL D 77 0.85 -8.56 -5.68
CA VAL D 77 0.42 -8.52 -4.28
C VAL D 77 1.39 -7.71 -3.39
N PRO D 78 0.96 -6.53 -2.87
CA PRO D 78 1.84 -5.78 -1.96
C PRO D 78 1.86 -6.44 -0.59
N ALA D 79 3.02 -7.00 -0.22
CA ALA D 79 3.24 -7.74 1.03
C ALA D 79 2.91 -6.99 2.32
N ASN D 80 3.25 -5.69 2.37
CA ASN D 80 3.02 -4.84 3.56
C ASN D 80 1.69 -4.11 3.51
N PHE D 85 6.69 3.87 0.69
CA PHE D 85 8.15 3.79 0.57
C PHE D 85 8.74 2.67 1.44
N GLY D 86 9.72 1.96 0.89
CA GLY D 86 10.42 0.87 1.56
C GLY D 86 9.59 -0.41 1.68
N TYR D 87 8.60 -0.56 0.80
CA TYR D 87 7.70 -1.72 0.77
C TYR D 87 7.90 -2.60 -0.45
N GLN D 88 7.47 -3.88 -0.34
CA GLN D 88 7.61 -4.90 -1.38
C GLN D 88 6.35 -5.17 -2.19
N MET D 89 6.53 -5.73 -3.40
CA MET D 89 5.48 -6.12 -4.34
C MET D 89 5.78 -7.52 -4.88
N HIS D 90 5.01 -8.52 -4.41
CA HIS D 90 5.16 -9.93 -4.80
C HIS D 90 4.32 -10.26 -6.03
N PHE D 91 4.89 -11.04 -6.97
CA PHE D 91 4.22 -11.43 -8.21
C PHE D 91 4.00 -12.94 -8.30
N ILE D 92 2.73 -13.35 -8.45
CA ILE D 92 2.33 -14.76 -8.56
C ILE D 92 1.54 -14.96 -9.85
N CYS D 93 1.95 -15.95 -10.67
CA CYS D 93 1.28 -16.27 -11.93
C CYS D 93 0.11 -17.24 -11.68
N ASN D 94 -0.93 -17.17 -12.53
CA ASN D 94 -2.11 -18.02 -12.44
C ASN D 94 -1.80 -19.48 -12.79
N GLU D 95 -2.72 -20.43 -12.46
CA GLU D 95 -2.56 -21.86 -12.71
C GLU D 95 -2.31 -22.18 -14.18
N GLY D 96 -1.12 -22.71 -14.45
CA GLY D 96 -0.67 -23.06 -15.81
C GLY D 96 0.18 -22.00 -16.47
N TYR D 97 0.78 -21.10 -15.65
CA TYR D 97 1.63 -20.02 -16.11
C TYR D 97 2.90 -19.89 -15.26
N TYR D 98 4.05 -19.65 -15.90
CA TYR D 98 5.34 -19.49 -15.22
C TYR D 98 5.89 -18.06 -15.35
N LEU D 99 6.54 -17.58 -14.28
CA LEU D 99 7.10 -16.23 -14.18
C LEU D 99 8.45 -16.05 -14.88
N ILE D 100 8.59 -14.92 -15.62
CA ILE D 100 9.81 -14.49 -16.30
C ILE D 100 10.07 -13.04 -15.87
N GLY D 101 11.04 -12.87 -14.99
CA GLY D 101 11.43 -11.57 -14.45
C GLY D 101 11.75 -11.62 -12.97
N GLU D 102 11.36 -10.55 -12.24
CA GLU D 102 11.61 -10.43 -10.81
C GLU D 102 10.41 -10.85 -9.98
N GLU D 103 10.62 -11.75 -9.00
CA GLU D 103 9.60 -12.26 -8.08
C GLU D 103 9.12 -11.16 -7.14
N ILE D 104 10.06 -10.38 -6.56
CA ILE D 104 9.77 -9.30 -5.62
C ILE D 104 10.37 -7.98 -6.13
N LEU D 105 9.54 -6.91 -6.20
CA LEU D 105 9.96 -5.56 -6.59
C LEU D 105 10.02 -4.67 -5.35
N TYR D 106 11.10 -3.88 -5.22
CA TYR D 106 11.32 -3.01 -4.07
C TYR D 106 11.08 -1.54 -4.39
N CYS D 107 10.31 -0.84 -3.54
CA CYS D 107 9.99 0.58 -3.68
C CYS D 107 11.17 1.40 -3.17
N GLU D 108 11.97 1.95 -4.09
CA GLU D 108 13.18 2.73 -3.80
C GLU D 108 12.97 4.23 -4.01
N LEU D 109 13.84 5.05 -3.38
CA LEU D 109 13.81 6.51 -3.51
C LEU D 109 15.10 6.96 -4.17
N LYS D 110 14.99 7.45 -5.43
CA LYS D 110 16.14 7.92 -6.21
C LYS D 110 15.92 9.38 -6.62
N GLY D 111 16.63 10.29 -5.94
CA GLY D 111 16.54 11.72 -6.14
C GLY D 111 15.22 12.30 -5.71
N SER D 112 14.73 11.88 -4.52
CA SER D 112 13.45 12.26 -3.89
C SER D 112 12.21 11.90 -4.74
N VAL D 113 12.35 10.88 -5.60
CA VAL D 113 11.29 10.35 -6.48
C VAL D 113 11.12 8.86 -6.19
N ALA D 114 9.90 8.45 -5.79
CA ALA D 114 9.58 7.06 -5.48
C ALA D 114 9.40 6.23 -6.75
N ILE D 115 10.33 5.29 -6.99
CA ILE D 115 10.36 4.43 -8.17
C ILE D 115 10.71 2.97 -7.81
N TRP D 116 10.09 2.00 -8.51
CA TRP D 116 10.34 0.57 -8.30
C TRP D 116 11.73 0.19 -8.81
N SER D 117 12.32 -0.88 -8.21
CA SER D 117 13.65 -1.40 -8.55
C SER D 117 13.81 -1.84 -10.01
N GLY D 118 12.73 -2.35 -10.61
CA GLY D 118 12.72 -2.80 -11.99
C GLY D 118 11.33 -2.91 -12.61
N LYS D 119 11.27 -3.41 -13.85
CA LYS D 119 10.02 -3.61 -14.60
C LYS D 119 9.23 -4.82 -14.09
N PRO D 120 7.87 -4.82 -14.15
CA PRO D 120 7.11 -5.99 -13.67
C PRO D 120 7.30 -7.24 -14.54
N PRO D 121 7.27 -8.46 -13.96
CA PRO D 121 7.47 -9.68 -14.76
C PRO D 121 6.30 -10.05 -15.67
N ILE D 122 6.52 -11.02 -16.57
CA ILE D 122 5.54 -11.53 -17.54
C ILE D 122 5.22 -13.01 -17.23
N CYS D 123 3.91 -13.36 -17.23
CA CYS D 123 3.46 -14.72 -17.00
C CYS D 123 3.25 -15.45 -18.34
N GLU D 124 4.18 -16.34 -18.68
CA GLU D 124 4.17 -17.13 -19.92
C GLU D 124 3.46 -18.47 -19.70
N LYS D 125 2.78 -18.98 -20.74
CA LYS D 125 2.03 -20.25 -20.71
C LYS D 125 2.96 -21.46 -20.55
N VAL D 126 2.59 -22.38 -19.64
CA VAL D 126 3.34 -23.59 -19.33
C VAL D 126 3.23 -24.61 -20.47
N LEU D 127 4.38 -25.03 -21.03
CA LEU D 127 4.48 -26.00 -22.12
C LEU D 127 5.36 -27.18 -21.70
N CYS D 128 4.89 -28.41 -21.94
CA CYS D 128 5.59 -29.65 -21.59
C CYS D 128 6.22 -30.34 -22.79
N THR D 129 7.34 -31.04 -22.55
CA THR D 129 8.08 -31.84 -23.54
C THR D 129 7.38 -33.22 -23.65
N PRO D 130 7.61 -34.06 -24.70
CA PRO D 130 6.92 -35.36 -24.77
C PRO D 130 7.11 -36.28 -23.55
N PRO D 131 6.08 -37.07 -23.15
CA PRO D 131 6.23 -37.93 -21.97
C PRO D 131 7.22 -39.09 -22.13
N PRO D 132 7.74 -39.70 -21.03
CA PRO D 132 8.74 -40.78 -21.19
C PRO D 132 8.26 -42.02 -21.94
N LYS D 133 9.15 -42.60 -22.77
CA LYS D 133 8.92 -43.81 -23.54
C LYS D 133 9.19 -45.02 -22.64
N ILE D 134 8.19 -45.89 -22.48
CA ILE D 134 8.29 -47.09 -21.64
C ILE D 134 8.46 -48.39 -22.42
N LYS D 135 9.12 -49.38 -21.81
CA LYS D 135 9.35 -50.69 -22.40
C LYS D 135 8.07 -51.52 -22.37
N ASN D 136 7.73 -52.15 -23.51
CA ASN D 136 6.55 -53.00 -23.72
C ASN D 136 5.18 -52.28 -23.53
N GLY D 137 5.18 -50.97 -23.72
CA GLY D 137 3.99 -50.13 -23.60
C GLY D 137 4.06 -48.82 -24.35
N LYS D 138 2.89 -48.31 -24.77
CA LYS D 138 2.75 -47.06 -25.52
C LYS D 138 1.65 -46.15 -24.95
N HIS D 139 1.76 -44.84 -25.19
CA HIS D 139 0.80 -43.84 -24.71
C HIS D 139 0.03 -43.16 -25.84
N THR D 140 -1.11 -42.50 -25.51
CA THR D 140 -1.94 -41.75 -26.46
C THR D 140 -1.25 -40.44 -26.85
N PHE D 141 -1.73 -39.78 -27.93
CA PHE D 141 -1.19 -38.54 -28.48
C PHE D 141 0.30 -38.64 -28.84
N SER D 142 0.68 -39.76 -29.49
CA SER D 142 2.05 -40.03 -29.95
C SER D 142 2.45 -39.11 -31.09
N GLU D 143 3.78 -38.94 -31.30
CA GLU D 143 4.39 -38.08 -32.33
C GLU D 143 4.17 -36.56 -32.13
N VAL D 144 3.36 -36.18 -31.12
CA VAL D 144 3.08 -34.78 -30.77
C VAL D 144 4.29 -34.24 -30.01
N GLU D 145 4.89 -33.15 -30.54
CA GLU D 145 6.10 -32.53 -29.98
C GLU D 145 5.87 -31.68 -28.74
N VAL D 146 4.85 -30.79 -28.76
CA VAL D 146 4.55 -29.88 -27.65
C VAL D 146 3.18 -30.19 -27.01
N PHE D 147 3.15 -30.28 -25.66
CA PHE D 147 1.94 -30.52 -24.87
C PHE D 147 1.71 -29.35 -23.93
N GLU D 148 0.51 -28.73 -24.00
CA GLU D 148 0.16 -27.59 -23.14
C GLU D 148 -0.38 -28.02 -21.76
N TYR D 149 -0.76 -27.04 -20.90
CA TYR D 149 -1.27 -27.29 -19.55
C TYR D 149 -2.56 -28.10 -19.54
N LEU D 150 -2.63 -29.09 -18.62
CA LEU D 150 -3.75 -30.03 -18.40
C LEU D 150 -3.95 -31.11 -19.47
N ASP D 151 -3.09 -31.12 -20.53
CA ASP D 151 -3.14 -32.11 -21.60
C ASP D 151 -2.67 -33.46 -21.05
N ALA D 152 -3.57 -34.45 -21.05
CA ALA D 152 -3.30 -35.79 -20.50
C ALA D 152 -3.09 -36.87 -21.54
N VAL D 153 -2.19 -37.81 -21.23
CA VAL D 153 -1.85 -38.98 -22.06
C VAL D 153 -2.15 -40.27 -21.29
N THR D 154 -2.68 -41.29 -21.99
CA THR D 154 -3.04 -42.57 -21.36
C THR D 154 -2.17 -43.71 -21.89
N TYR D 155 -1.39 -44.34 -20.98
CA TYR D 155 -0.51 -45.46 -21.27
C TYR D 155 -1.26 -46.79 -21.30
N SER D 156 -0.88 -47.68 -22.23
CA SER D 156 -1.46 -49.01 -22.39
C SER D 156 -0.38 -50.01 -22.80
N CYS D 157 -0.33 -51.17 -22.12
CA CYS D 157 0.64 -52.23 -22.37
C CYS D 157 0.40 -52.92 -23.73
N ASP D 158 1.48 -53.45 -24.33
CA ASP D 158 1.46 -54.17 -25.60
C ASP D 158 0.72 -55.52 -25.47
N PRO D 159 0.19 -56.12 -26.58
CA PRO D 159 -0.50 -57.42 -26.44
C PRO D 159 0.39 -58.54 -25.91
N ALA D 160 -0.23 -59.53 -25.23
CA ALA D 160 0.40 -60.69 -24.59
C ALA D 160 1.59 -61.29 -25.38
N PRO D 161 2.81 -61.36 -24.78
CA PRO D 161 3.95 -61.93 -25.51
C PRO D 161 3.88 -63.45 -25.67
N GLY D 162 3.14 -64.11 -24.78
CA GLY D 162 2.93 -65.54 -24.75
C GLY D 162 1.64 -65.91 -24.06
N PRO D 163 1.64 -66.90 -23.13
CA PRO D 163 0.40 -67.27 -22.45
C PRO D 163 -0.04 -66.30 -21.34
N ASP D 164 0.88 -65.43 -20.87
CA ASP D 164 0.61 -64.44 -19.81
C ASP D 164 0.71 -63.02 -20.37
N PRO D 165 -0.29 -62.12 -20.12
CA PRO D 165 -0.20 -60.76 -20.66
C PRO D 165 0.60 -59.77 -19.81
N PHE D 166 0.94 -58.60 -20.39
CA PHE D 166 1.68 -57.55 -19.70
C PHE D 166 0.76 -56.82 -18.72
N SER D 167 1.19 -56.71 -17.46
CA SER D 167 0.43 -56.02 -16.41
C SER D 167 0.92 -54.59 -16.23
N LEU D 168 -0.02 -53.64 -16.11
CA LEU D 168 0.28 -52.21 -15.93
C LEU D 168 0.35 -51.86 -14.44
N ILE D 169 1.55 -51.42 -13.99
CA ILE D 169 1.81 -51.04 -12.60
C ILE D 169 1.91 -49.52 -12.46
N GLY D 170 0.92 -48.94 -11.77
CA GLY D 170 0.82 -47.50 -11.53
C GLY D 170 -0.34 -46.85 -12.27
N GLU D 171 -0.41 -45.50 -12.21
CA GLU D 171 -1.45 -44.72 -12.87
C GLU D 171 -1.24 -44.64 -14.38
N SER D 172 -2.28 -45.02 -15.14
CA SER D 172 -2.27 -45.03 -16.62
C SER D 172 -2.29 -43.63 -17.23
N THR D 173 -3.05 -42.69 -16.61
CA THR D 173 -3.19 -41.33 -17.11
C THR D 173 -2.31 -40.32 -16.37
N ILE D 174 -1.47 -39.59 -17.12
CA ILE D 174 -0.57 -38.54 -16.63
C ILE D 174 -0.77 -37.25 -17.42
N TYR D 175 -0.90 -36.11 -16.72
CA TYR D 175 -1.13 -34.80 -17.33
C TYR D 175 0.03 -33.82 -17.11
N CYS D 176 0.17 -32.84 -18.02
CA CYS D 176 1.18 -31.80 -17.95
C CYS D 176 0.76 -30.79 -16.87
N GLY D 177 1.50 -30.77 -15.77
CA GLY D 177 1.25 -29.89 -14.63
C GLY D 177 2.09 -28.63 -14.62
N ASP D 178 2.18 -28.00 -13.43
CA ASP D 178 2.96 -26.77 -13.22
C ASP D 178 4.46 -27.03 -13.25
N ASN D 179 5.25 -25.97 -13.58
CA ASN D 179 6.71 -25.97 -13.68
C ASN D 179 7.25 -26.90 -14.79
N SER D 180 6.43 -27.11 -15.86
CA SER D 180 6.70 -27.94 -17.03
C SER D 180 7.08 -29.41 -16.69
N VAL D 181 6.49 -29.94 -15.59
CA VAL D 181 6.72 -31.29 -15.09
C VAL D 181 5.41 -32.09 -15.14
N TRP D 182 5.46 -33.33 -15.67
CA TRP D 182 4.32 -34.25 -15.76
C TRP D 182 3.90 -34.70 -14.36
N SER D 183 2.57 -34.68 -14.09
CA SER D 183 1.91 -35.01 -12.82
C SER D 183 2.51 -36.17 -12.03
N ARG D 184 2.77 -37.31 -12.70
CA ARG D 184 3.34 -38.51 -12.09
C ARG D 184 4.35 -39.20 -13.01
N ALA D 185 5.11 -40.17 -12.46
CA ALA D 185 6.08 -40.96 -13.20
C ALA D 185 5.36 -41.94 -14.12
N ALA D 186 5.94 -42.24 -15.29
CA ALA D 186 5.37 -43.16 -16.28
C ALA D 186 5.21 -44.59 -15.73
N PRO D 187 4.05 -45.27 -15.96
CA PRO D 187 3.87 -46.63 -15.42
C PRO D 187 4.71 -47.71 -16.10
N GLU D 188 4.80 -48.89 -15.46
CA GLU D 188 5.55 -50.05 -15.96
C GLU D 188 4.68 -51.06 -16.71
N CYS D 189 5.27 -51.74 -17.71
CA CYS D 189 4.63 -52.78 -18.51
C CYS D 189 5.50 -54.04 -18.49
N LYS D 190 5.25 -54.92 -17.52
CA LYS D 190 5.99 -56.17 -17.33
C LYS D 190 5.08 -57.37 -17.02
N VAL D 191 5.54 -58.59 -17.35
CA VAL D 191 4.80 -59.83 -17.10
C VAL D 191 4.88 -60.16 -15.60
N VAL D 192 3.75 -60.05 -14.89
CA VAL D 192 3.65 -60.32 -13.45
C VAL D 192 2.78 -61.58 -13.25
N LYS D 193 3.38 -62.67 -12.74
CA LYS D 193 2.69 -63.93 -12.48
C LYS D 193 3.10 -64.49 -11.11
N CYS D 194 2.14 -64.50 -10.17
CA CYS D 194 2.34 -65.01 -8.81
C CYS D 194 2.19 -66.53 -8.75
N ARG D 195 2.84 -67.15 -7.76
CA ARG D 195 2.80 -68.60 -7.50
C ARG D 195 1.40 -69.03 -7.04
N PHE D 196 1.06 -70.33 -7.20
CA PHE D 196 -0.23 -70.85 -6.77
C PHE D 196 -0.26 -70.91 -5.23
N PRO D 197 -1.16 -70.16 -4.55
CA PRO D 197 -1.16 -70.18 -3.09
C PRO D 197 -1.84 -71.41 -2.50
N VAL D 198 -1.05 -72.21 -1.75
CA VAL D 198 -1.51 -73.43 -1.09
C VAL D 198 -1.19 -73.35 0.42
N VAL D 199 -2.22 -73.55 1.26
CA VAL D 199 -2.10 -73.46 2.72
C VAL D 199 -2.29 -74.83 3.36
N GLU D 200 -1.33 -75.23 4.24
CA GLU D 200 -1.36 -76.48 4.99
C GLU D 200 -2.48 -76.37 6.02
N ASN D 201 -3.44 -77.32 5.99
CA ASN D 201 -4.64 -77.39 6.85
C ASN D 201 -5.58 -76.17 6.66
N GLY D 202 -5.60 -75.64 5.45
CA GLY D 202 -6.41 -74.50 5.06
C GLY D 202 -7.07 -74.67 3.70
N LYS D 203 -8.23 -74.03 3.52
CA LYS D 203 -9.01 -74.10 2.27
C LYS D 203 -9.19 -72.72 1.64
N GLN D 204 -9.11 -72.65 0.30
CA GLN D 204 -9.29 -71.42 -0.47
C GLN D 204 -10.78 -71.10 -0.55
N ILE D 205 -11.16 -69.83 -0.30
CA ILE D 205 -12.56 -69.39 -0.32
C ILE D 205 -12.94 -68.39 -1.41
N SER D 206 -11.98 -67.55 -1.87
CA SER D 206 -12.23 -66.57 -2.93
C SER D 206 -11.04 -66.41 -3.89
N GLY D 207 -11.32 -65.89 -5.09
CA GLY D 207 -10.33 -65.67 -6.13
C GLY D 207 -9.82 -66.95 -6.75
N PHE D 208 -10.74 -67.77 -7.29
CA PHE D 208 -10.41 -69.06 -7.92
C PHE D 208 -9.91 -68.90 -9.35
N GLY D 209 -8.99 -69.78 -9.72
CA GLY D 209 -8.35 -69.83 -11.04
C GLY D 209 -7.01 -70.51 -11.00
N LYS D 210 -6.43 -70.81 -12.18
CA LYS D 210 -5.12 -71.46 -12.26
C LYS D 210 -3.93 -70.53 -12.56
N LYS D 211 -4.23 -69.25 -12.89
CA LYS D 211 -3.22 -68.22 -13.15
C LYS D 211 -3.53 -66.92 -12.41
N PHE D 212 -2.55 -66.41 -11.65
CA PHE D 212 -2.68 -65.20 -10.84
C PHE D 212 -1.71 -64.11 -11.29
N TYR D 213 -2.25 -62.96 -11.71
CA TYR D 213 -1.46 -61.80 -12.17
C TYR D 213 -1.44 -60.67 -11.12
N TYR D 214 -1.00 -59.46 -11.52
CA TYR D 214 -0.93 -58.27 -10.67
C TYR D 214 -2.32 -57.85 -10.18
N LYS D 215 -2.43 -57.49 -8.88
CA LYS D 215 -3.66 -57.08 -8.16
C LYS D 215 -4.67 -58.21 -7.85
N ALA D 216 -4.28 -59.48 -8.04
CA ALA D 216 -5.13 -60.64 -7.77
C ALA D 216 -5.35 -60.85 -6.28
N THR D 217 -6.63 -60.99 -5.86
CA THR D 217 -7.03 -61.16 -4.47
C THR D 217 -7.49 -62.60 -4.18
N VAL D 218 -6.89 -63.23 -3.16
CA VAL D 218 -7.17 -64.61 -2.73
C VAL D 218 -7.41 -64.63 -1.21
N MET D 219 -8.50 -65.30 -0.76
CA MET D 219 -8.85 -65.45 0.66
C MET D 219 -8.77 -66.90 1.13
N PHE D 220 -8.35 -67.12 2.38
CA PHE D 220 -8.21 -68.45 2.98
C PHE D 220 -8.98 -68.64 4.27
N GLU D 221 -9.42 -69.88 4.52
CA GLU D 221 -10.17 -70.29 5.70
C GLU D 221 -9.55 -71.58 6.26
N CYS D 222 -9.15 -71.55 7.55
CA CYS D 222 -8.53 -72.70 8.23
C CYS D 222 -9.55 -73.78 8.57
N ASP D 223 -9.10 -75.06 8.61
CA ASP D 223 -9.93 -76.21 8.96
C ASP D 223 -10.27 -76.23 10.46
N LYS D 224 -11.23 -77.09 10.87
CA LYS D 224 -11.69 -77.21 12.25
C LYS D 224 -10.55 -77.60 13.20
N GLY D 225 -10.30 -76.73 14.19
CA GLY D 225 -9.25 -76.90 15.18
C GLY D 225 -7.91 -76.31 14.78
N PHE D 226 -7.93 -75.31 13.87
CA PHE D 226 -6.73 -74.63 13.37
C PHE D 226 -6.92 -73.11 13.34
N TYR D 227 -5.92 -72.36 13.84
CA TYR D 227 -5.95 -70.89 13.86
C TYR D 227 -5.06 -70.28 12.77
N LEU D 228 -5.52 -69.16 12.18
CA LEU D 228 -4.81 -68.45 11.12
C LEU D 228 -3.64 -67.62 11.68
N ASP D 229 -2.46 -67.75 11.06
CA ASP D 229 -1.25 -67.02 11.44
C ASP D 229 -0.94 -65.99 10.34
N GLY D 230 -1.43 -64.77 10.55
CA GLY D 230 -1.27 -63.66 9.63
C GLY D 230 -2.58 -63.12 9.12
N SER D 231 -2.63 -62.77 7.81
CA SER D 231 -3.81 -62.23 7.15
C SER D 231 -4.46 -63.25 6.23
N ASP D 232 -5.81 -63.28 6.21
CA ASP D 232 -6.60 -64.17 5.36
C ASP D 232 -6.63 -63.70 3.91
N THR D 233 -6.67 -62.37 3.70
CA THR D 233 -6.70 -61.73 2.38
C THR D 233 -5.26 -61.47 1.91
N ILE D 234 -4.88 -62.06 0.76
CA ILE D 234 -3.54 -61.92 0.16
C ILE D 234 -3.61 -61.35 -1.26
N VAL D 235 -2.79 -60.32 -1.54
CA VAL D 235 -2.74 -59.63 -2.84
C VAL D 235 -1.36 -59.84 -3.52
N CYS D 236 -1.37 -60.12 -4.83
CA CYS D 236 -0.16 -60.31 -5.63
C CYS D 236 0.54 -58.97 -5.90
N ASP D 237 1.79 -58.84 -5.46
CA ASP D 237 2.64 -57.65 -5.59
C ASP D 237 3.17 -57.49 -7.03
N SER D 238 3.75 -56.30 -7.34
CA SER D 238 4.32 -55.97 -8.65
C SER D 238 5.57 -56.79 -9.01
N ASN D 239 6.25 -57.36 -8.00
CA ASN D 239 7.46 -58.17 -8.18
C ASN D 239 7.18 -59.69 -8.12
N SER D 240 5.94 -60.09 -8.50
CA SER D 240 5.45 -61.49 -8.53
C SER D 240 5.59 -62.24 -7.20
N THR D 241 5.21 -61.57 -6.09
CA THR D 241 5.26 -62.10 -4.73
C THR D 241 3.91 -61.82 -4.03
N TRP D 242 3.56 -62.61 -3.01
CA TRP D 242 2.30 -62.42 -2.28
C TRP D 242 2.49 -61.46 -1.11
N ASP D 243 1.71 -60.36 -1.09
CA ASP D 243 1.74 -59.33 -0.05
C ASP D 243 0.35 -59.14 0.58
N PRO D 244 0.11 -59.54 1.85
CA PRO D 244 1.04 -60.17 2.83
C PRO D 244 1.44 -61.59 2.43
N PRO D 245 2.52 -62.20 3.02
CA PRO D 245 2.89 -63.57 2.61
C PRO D 245 1.80 -64.62 2.87
N VAL D 246 1.83 -65.73 2.11
CA VAL D 246 0.87 -66.85 2.17
C VAL D 246 0.65 -67.30 3.63
N PRO D 247 -0.61 -67.26 4.15
CA PRO D 247 -0.84 -67.64 5.55
C PRO D 247 -0.62 -69.13 5.88
N LYS D 248 -0.55 -69.45 7.17
CA LYS D 248 -0.35 -70.81 7.67
C LYS D 248 -1.34 -71.12 8.80
N CYS D 249 -2.01 -72.29 8.72
CA CYS D 249 -2.97 -72.73 9.73
C CYS D 249 -2.25 -73.65 10.74
N LEU D 250 -2.16 -73.20 12.00
CA LEU D 250 -1.48 -73.95 13.07
C LEU D 250 -2.48 -74.59 14.04
N LYS D 251 -2.15 -75.79 14.53
CA LYS D 251 -2.96 -76.59 15.45
C LYS D 251 -3.01 -76.00 16.86
N VAL D 252 -4.19 -76.05 17.47
CA VAL D 252 -4.45 -75.57 18.83
C VAL D 252 -4.57 -76.73 19.81
#